data_2PG0
#
_entry.id   2PG0
#
_cell.length_a   119.276
_cell.length_b   119.276
_cell.length_c   124.452
_cell.angle_alpha   90.000
_cell.angle_beta   90.000
_cell.angle_gamma   120.000
#
_symmetry.space_group_name_H-M   'P 31 2 1'
#
loop_
_entity.id
_entity.type
_entity.pdbx_description
1 polymer 'Acyl-CoA dehydrogenase'
2 non-polymer 'FLAVIN-ADENINE DINUCLEOTIDE'
3 water water
#
_entity_poly.entity_id   1
_entity_poly.type   'polypeptide(L)'
_entity_poly.pdbx_seq_one_letter_code
;GLNHMTARYLREEHHMFRAAFRKFLEKEAYPHYNDWEKRGIIPRSFWAKMGENGFLCPWVDEKYGGLNADFAYSVVINEE
LEKVGSSLVGIGLHNDIVTPYIASYGTEEQKQKWLPKCVTGELITAIAMTEPGAGSDLANISTTAVKDGDYYIVNGQKTF
ITNGIHADLIVVACKTDPQAKPPHRGISLLVVERDTPGFTRGRKLEKVGLHAQDTAELFFQDAKVPAYNLLGEEGKGFYY
LMEKLQQERLVVAIAAQTAAEVMFSLTKQYVKQRTAFGKRVSEFQTVQFRLAEMATEIALGRTFVDRVIEEHMAGKQIVT
EVSMAKWWITEMAKRVAAEAMQLHGGYGYMEEYEIARRYRDIPVSAIYAGTNEMMKTIIARQLDL
;
_entity_poly.pdbx_strand_id   A,B
#
# COMPACT_ATOMS: atom_id res chain seq x y z
N THR A 6 30.60 -13.75 0.10
CA THR A 6 31.00 -12.74 -0.90
C THR A 6 30.71 -13.22 -2.33
N ALA A 7 30.37 -12.26 -3.19
CA ALA A 7 30.10 -12.48 -4.61
C ALA A 7 31.26 -11.95 -5.44
N ARG A 8 31.69 -12.76 -6.40
CA ARG A 8 32.94 -12.56 -7.12
C ARG A 8 32.96 -11.43 -8.14
N TYR A 9 31.83 -10.79 -8.40
CA TYR A 9 31.81 -9.77 -9.45
C TYR A 9 32.29 -8.39 -8.98
N LEU A 10 32.41 -8.21 -7.66
CA LEU A 10 32.89 -6.95 -7.12
C LEU A 10 34.35 -7.03 -6.72
N ARG A 11 35.16 -6.12 -7.25
CA ARG A 11 36.53 -5.96 -6.78
C ARG A 11 36.72 -4.64 -6.03
N GLU A 12 37.92 -4.41 -5.52
CA GLU A 12 38.18 -3.20 -4.74
C GLU A 12 37.71 -1.91 -5.42
N GLU A 13 37.93 -1.79 -6.74
CA GLU A 13 37.49 -0.62 -7.49
C GLU A 13 35.98 -0.35 -7.40
N HIS A 14 35.19 -1.43 -7.36
CA HIS A 14 33.74 -1.33 -7.22
C HIS A 14 33.36 -0.92 -5.80
N HIS A 15 34.15 -1.38 -4.82
CA HIS A 15 33.94 -1.02 -3.43
C HIS A 15 34.22 0.45 -3.15
N MET A 16 35.31 0.98 -3.74
CA MET A 16 35.58 2.41 -3.62
C MET A 16 34.56 3.24 -4.40
N PHE A 17 34.13 2.73 -5.56
CA PHE A 17 33.08 3.38 -6.33
C PHE A 17 31.76 3.48 -5.56
N ARG A 18 31.37 2.40 -4.89
CA ARG A 18 30.15 2.39 -4.08
C ARG A 18 30.17 3.47 -3.01
N ALA A 19 31.32 3.59 -2.33
CA ALA A 19 31.49 4.60 -1.29
C ALA A 19 31.39 6.01 -1.87
N ALA A 20 32.01 6.24 -3.03
CA ALA A 20 31.97 7.54 -3.71
C ALA A 20 30.54 7.89 -4.16
N PHE A 21 29.86 6.92 -4.73
CA PHE A 21 28.49 7.11 -5.19
C PHE A 21 27.54 7.34 -4.01
N ARG A 22 27.72 6.59 -2.93
CA ARG A 22 26.91 6.82 -1.72
C ARG A 22 27.12 8.23 -1.16
N LYS A 23 28.36 8.72 -1.23
CA LYS A 23 28.66 10.08 -0.76
C LYS A 23 27.89 11.12 -1.58
N PHE A 24 27.85 10.93 -2.89
CA PHE A 24 27.05 11.77 -3.78
C PHE A 24 25.58 11.76 -3.38
N LEU A 25 25.03 10.56 -3.18
CA LEU A 25 23.61 10.41 -2.83
C LEU A 25 23.25 10.96 -1.46
N GLU A 26 24.18 10.85 -0.52
CA GLU A 26 23.94 11.37 0.83
C GLU A 26 23.68 12.87 0.82
N LYS A 27 24.28 13.58 -0.15
CA LYS A 27 24.04 15.00 -0.33
C LYS A 27 22.86 15.31 -1.26
N GLU A 28 22.82 14.61 -2.40
CA GLU A 28 21.92 14.97 -3.52
C GLU A 28 20.58 14.25 -3.57
N ALA A 29 20.46 13.13 -2.88
CA ALA A 29 19.27 12.27 -3.03
C ALA A 29 18.53 12.02 -1.73
N TYR A 30 19.23 11.46 -0.73
CA TYR A 30 18.60 11.10 0.53
C TYR A 30 17.80 12.25 1.18
N PRO A 31 18.40 13.45 1.29
CA PRO A 31 17.65 14.50 1.98
C PRO A 31 16.52 15.14 1.14
N HIS A 32 16.58 14.95 -0.17
CA HIS A 32 15.64 15.57 -1.13
C HIS A 32 14.49 14.64 -1.51
N TYR A 33 14.62 13.35 -1.21
CA TYR A 33 13.70 12.35 -1.76
C TYR A 33 12.23 12.62 -1.43
N ASN A 34 11.95 12.97 -0.18
CA ASN A 34 10.57 13.24 0.25
C ASN A 34 9.92 14.40 -0.49
N ASP A 35 10.72 15.44 -0.76
CA ASP A 35 10.27 16.59 -1.57
C ASP A 35 9.94 16.20 -3.01
N TRP A 36 10.76 15.31 -3.57
CA TRP A 36 10.54 14.82 -4.92
C TRP A 36 9.21 14.09 -5.02
N GLU A 37 8.91 13.28 -4.01
CA GLU A 37 7.65 12.56 -3.97
C GLU A 37 6.46 13.50 -3.92
N LYS A 38 6.59 14.55 -3.12
CA LYS A 38 5.55 15.59 -3.02
C LYS A 38 5.29 16.27 -4.37
N ARG A 39 6.36 16.57 -5.10
CA ARG A 39 6.25 17.22 -6.41
C ARG A 39 5.79 16.25 -7.50
N GLY A 40 6.07 14.96 -7.31
CA GLY A 40 5.67 13.93 -8.27
C GLY A 40 6.69 13.67 -9.37
N ILE A 41 7.86 14.27 -9.23
CA ILE A 41 8.91 14.18 -10.24
C ILE A 41 10.28 14.53 -9.61
N ILE A 42 11.32 13.89 -10.13
CA ILE A 42 12.70 14.18 -9.74
C ILE A 42 13.25 15.23 -10.73
N PRO A 43 13.81 16.34 -10.21
CA PRO A 43 14.20 17.43 -11.11
C PRO A 43 15.28 17.02 -12.12
N ARG A 44 15.18 17.57 -13.32
CA ARG A 44 16.18 17.43 -14.38
C ARG A 44 17.60 17.71 -13.89
N SER A 45 17.72 18.68 -12.99
CA SER A 45 19.02 19.06 -12.42
C SER A 45 19.72 17.88 -11.75
N PHE A 46 18.96 16.97 -11.15
CA PHE A 46 19.52 15.76 -10.56
C PHE A 46 20.18 14.86 -11.60
N TRP A 47 19.49 14.61 -12.71
CA TRP A 47 20.06 13.86 -13.84
C TRP A 47 21.33 14.52 -14.39
N ALA A 48 21.31 15.85 -14.47
CA ALA A 48 22.47 16.60 -14.95
C ALA A 48 23.67 16.38 -14.02
N LYS A 49 23.42 16.38 -12.71
CA LYS A 49 24.46 16.11 -11.72
C LYS A 49 24.96 14.67 -11.84
N MET A 50 24.05 13.73 -12.04
CA MET A 50 24.42 12.34 -12.27
C MET A 50 25.34 12.21 -13.51
N GLY A 51 24.98 12.90 -14.58
CA GLY A 51 25.73 12.83 -15.83
C GLY A 51 27.13 13.41 -15.71
N GLU A 52 27.24 14.56 -15.05
CA GLU A 52 28.53 15.25 -14.94
C GLU A 52 29.50 14.51 -14.03
N ASN A 53 28.97 13.70 -13.12
CA ASN A 53 29.76 12.91 -12.18
C ASN A 53 30.09 11.51 -12.71
N GLY A 54 29.60 11.19 -13.92
CA GLY A 54 29.89 9.92 -14.60
C GLY A 54 29.01 8.75 -14.19
N PHE A 55 27.86 9.04 -13.59
CA PHE A 55 26.98 7.98 -13.08
C PHE A 55 25.86 7.60 -14.06
N LEU A 56 25.88 8.18 -15.26
CA LEU A 56 24.94 7.78 -16.32
C LEU A 56 25.66 7.05 -17.43
N CYS A 57 25.07 5.93 -17.87
CA CYS A 57 25.62 5.10 -18.94
C CYS A 57 27.14 4.89 -18.86
N PRO A 58 27.65 4.47 -17.70
CA PRO A 58 29.12 4.42 -17.54
C PRO A 58 29.78 3.35 -18.43
N TRP A 59 28.98 2.40 -18.90
CA TRP A 59 29.44 1.31 -19.76
C TRP A 59 29.71 1.76 -21.20
N VAL A 60 29.19 2.92 -21.56
CA VAL A 60 29.35 3.48 -22.91
C VAL A 60 30.85 3.72 -23.20
N ASP A 61 31.24 3.53 -24.46
CA ASP A 61 32.64 3.66 -24.85
C ASP A 61 33.16 5.08 -24.61
N GLU A 62 34.45 5.19 -24.31
CA GLU A 62 35.10 6.47 -24.07
C GLU A 62 34.94 7.48 -25.21
N LYS A 63 34.82 6.97 -26.44
CA LYS A 63 34.69 7.83 -27.61
C LYS A 63 33.37 8.62 -27.68
N TYR A 64 32.36 8.17 -26.92
CA TYR A 64 31.11 8.93 -26.78
C TYR A 64 31.06 9.66 -25.44
N GLY A 65 32.10 9.53 -24.64
CA GLY A 65 32.20 10.23 -23.37
C GLY A 65 31.99 9.34 -22.16
N GLY A 66 31.80 8.05 -22.40
CA GLY A 66 31.58 7.08 -21.33
C GLY A 66 32.87 6.62 -20.65
N LEU A 67 32.74 5.58 -19.84
CA LEU A 67 33.87 5.11 -19.04
C LEU A 67 34.28 3.67 -19.31
N ASN A 68 33.64 3.03 -20.29
CA ASN A 68 33.86 1.61 -20.59
C ASN A 68 33.71 0.69 -19.38
N ALA A 69 32.83 1.08 -18.46
CA ALA A 69 32.62 0.36 -17.21
C ALA A 69 31.95 -0.99 -17.45
N ASP A 70 32.30 -1.98 -16.65
CA ASP A 70 31.62 -3.27 -16.70
C ASP A 70 30.27 -3.21 -15.96
N PHE A 71 29.48 -4.28 -16.09
CA PHE A 71 28.14 -4.35 -15.53
C PHE A 71 28.09 -4.25 -13.99
N ALA A 72 29.17 -4.61 -13.32
CA ALA A 72 29.22 -4.50 -11.86
C ALA A 72 29.02 -3.06 -11.38
N TYR A 73 29.52 -2.09 -12.16
CA TYR A 73 29.27 -0.68 -11.86
C TYR A 73 27.77 -0.36 -11.90
N SER A 74 27.06 -0.94 -12.87
CA SER A 74 25.61 -0.74 -12.95
C SER A 74 24.87 -1.37 -11.77
N VAL A 75 25.33 -2.55 -11.34
CA VAL A 75 24.77 -3.20 -10.15
C VAL A 75 24.90 -2.27 -8.95
N VAL A 76 26.10 -1.72 -8.75
CA VAL A 76 26.33 -0.80 -7.64
C VAL A 76 25.41 0.42 -7.70
N ILE A 77 25.33 1.05 -8.88
CA ILE A 77 24.50 2.23 -9.06
C ILE A 77 23.05 1.93 -8.71
N ASN A 78 22.51 0.86 -9.27
CA ASN A 78 21.10 0.54 -9.06
C ASN A 78 20.78 0.15 -7.62
N GLU A 79 21.71 -0.56 -6.98
CA GLU A 79 21.55 -0.92 -5.57
C GLU A 79 21.53 0.33 -4.70
N GLU A 80 22.51 1.21 -4.90
CA GLU A 80 22.61 2.42 -4.11
C GLU A 80 21.43 3.37 -4.32
N LEU A 81 20.91 3.44 -5.54
CA LEU A 81 19.73 4.25 -5.81
C LEU A 81 18.48 3.70 -5.13
N GLU A 82 18.33 2.37 -5.12
CA GLU A 82 17.21 1.74 -4.43
C GLU A 82 17.28 1.97 -2.93
N LYS A 83 18.50 2.00 -2.39
CA LYS A 83 18.68 2.33 -0.98
C LYS A 83 18.10 3.69 -0.63
N VAL A 84 18.13 4.61 -1.60
CA VAL A 84 17.42 5.88 -1.46
C VAL A 84 15.91 5.63 -1.61
N GLY A 85 15.50 5.16 -2.78
CA GLY A 85 14.08 4.80 -2.99
C GLY A 85 13.76 4.35 -4.40
N SER A 86 12.65 3.63 -4.53
CA SER A 86 12.24 3.02 -5.80
C SER A 86 11.88 4.04 -6.87
N SER A 87 11.59 5.28 -6.49
CA SER A 87 11.30 6.32 -7.50
C SER A 87 12.50 6.64 -8.37
N LEU A 88 13.67 6.17 -7.96
CA LEU A 88 14.89 6.37 -8.74
C LEU A 88 15.13 5.33 -9.84
N VAL A 89 14.17 4.42 -10.03
CA VAL A 89 14.27 3.35 -11.03
C VAL A 89 14.47 3.85 -12.46
N GLY A 90 14.05 5.09 -12.72
CA GLY A 90 14.20 5.72 -14.03
C GLY A 90 15.65 5.85 -14.48
N ILE A 91 16.56 5.95 -13.51
CA ILE A 91 17.98 6.01 -13.81
C ILE A 91 18.51 4.68 -14.32
N GLY A 92 18.23 3.60 -13.58
CA GLY A 92 18.57 2.24 -14.01
C GLY A 92 17.93 1.89 -15.34
N LEU A 93 16.72 2.38 -15.56
CA LEU A 93 16.03 2.19 -16.85
C LEU A 93 16.82 2.86 -18.00
N HIS A 94 17.17 4.13 -17.81
CA HIS A 94 18.00 4.87 -18.76
C HIS A 94 19.35 4.17 -18.99
N ASN A 95 20.06 3.89 -17.90
CA ASN A 95 21.40 3.29 -17.94
C ASN A 95 21.45 1.89 -18.54
N ASP A 96 20.56 1.03 -18.07
CA ASP A 96 20.74 -0.41 -18.25
C ASP A 96 19.63 -1.12 -19.02
N ILE A 97 18.55 -0.39 -19.30
CA ILE A 97 17.46 -0.97 -20.08
C ILE A 97 17.34 -0.33 -21.46
N VAL A 98 17.27 0.99 -21.54
CA VAL A 98 16.97 1.64 -22.81
C VAL A 98 18.21 1.93 -23.66
N THR A 99 19.16 2.67 -23.09
CA THR A 99 20.33 3.05 -23.88
C THR A 99 21.10 1.86 -24.49
N PRO A 100 21.19 0.70 -23.79
CA PRO A 100 21.73 -0.47 -24.49
C PRO A 100 21.09 -0.81 -25.85
N TYR A 101 19.83 -0.47 -26.07
CA TYR A 101 19.23 -0.71 -27.39
C TYR A 101 19.95 0.12 -28.46
N ILE A 102 20.23 1.38 -28.13
CA ILE A 102 20.94 2.30 -29.04
C ILE A 102 22.35 1.78 -29.33
N ALA A 103 23.07 1.36 -28.29
CA ALA A 103 24.42 0.84 -28.46
C ALA A 103 24.46 -0.47 -29.25
N SER A 104 23.51 -1.37 -28.97
CA SER A 104 23.49 -2.67 -29.63
C SER A 104 23.00 -2.64 -31.07
N TYR A 105 21.97 -1.84 -31.34
CA TYR A 105 21.27 -1.90 -32.62
C TYR A 105 21.34 -0.63 -33.45
N GLY A 106 21.94 0.41 -32.90
CA GLY A 106 22.06 1.67 -33.60
C GLY A 106 23.15 1.63 -34.65
N THR A 107 22.97 2.43 -35.69
CA THR A 107 24.03 2.68 -36.67
C THR A 107 25.08 3.58 -36.01
N GLU A 108 26.25 3.67 -36.62
CA GLU A 108 27.30 4.57 -36.13
C GLU A 108 26.78 6.01 -36.03
N GLU A 109 26.02 6.45 -37.04
CA GLU A 109 25.42 7.78 -37.06
C GLU A 109 24.47 7.97 -35.86
N GLN A 110 23.64 6.98 -35.60
CA GLN A 110 22.68 7.04 -34.49
C GLN A 110 23.37 7.07 -33.12
N LYS A 111 24.39 6.24 -32.97
CA LYS A 111 25.17 6.18 -31.73
C LYS A 111 25.87 7.51 -31.48
N GLN A 112 26.49 8.05 -32.53
CA GLN A 112 27.18 9.33 -32.45
C GLN A 112 26.21 10.47 -32.08
N LYS A 113 25.01 10.43 -32.66
CA LYS A 113 23.99 11.44 -32.41
C LYS A 113 23.40 11.40 -31.01
N TRP A 114 23.25 10.19 -30.46
CA TRP A 114 22.47 10.03 -29.22
C TRP A 114 23.27 9.68 -27.96
N LEU A 115 24.23 8.78 -28.07
CA LEU A 115 24.94 8.29 -26.88
C LEU A 115 25.68 9.34 -26.03
N PRO A 116 26.41 10.29 -26.67
CA PRO A 116 27.05 11.31 -25.82
C PRO A 116 26.10 12.05 -24.87
N LYS A 117 24.92 12.41 -25.36
CA LYS A 117 23.95 13.12 -24.52
C LYS A 117 23.24 12.22 -23.50
N CYS A 118 23.17 10.93 -23.78
CA CYS A 118 22.68 9.95 -22.80
C CYS A 118 23.65 9.84 -21.62
N VAL A 119 24.96 9.95 -21.89
CA VAL A 119 25.98 9.92 -20.84
C VAL A 119 25.93 11.17 -19.95
N THR A 120 25.68 12.33 -20.56
CA THR A 120 25.65 13.59 -19.80
C THR A 120 24.29 13.85 -19.14
N GLY A 121 23.25 13.16 -19.62
CA GLY A 121 21.90 13.37 -19.11
C GLY A 121 21.13 14.47 -19.83
N GLU A 122 21.71 14.99 -20.91
CA GLU A 122 21.05 15.98 -21.76
C GLU A 122 19.86 15.34 -22.49
N LEU A 123 19.99 14.06 -22.79
CA LEU A 123 18.89 13.26 -23.27
C LEU A 123 18.58 12.16 -22.26
N ILE A 124 17.33 12.14 -21.82
CA ILE A 124 16.82 11.09 -20.93
C ILE A 124 16.00 10.15 -21.79
N THR A 125 16.14 8.84 -21.56
CA THR A 125 15.49 7.84 -22.39
C THR A 125 14.32 7.12 -21.70
N ALA A 126 13.45 6.56 -22.54
CA ALA A 126 12.34 5.73 -22.07
C ALA A 126 12.07 4.66 -23.12
N ILE A 127 11.36 3.62 -22.71
CA ILE A 127 10.95 2.57 -23.64
C ILE A 127 9.44 2.35 -23.54
N ALA A 128 8.78 2.30 -24.69
CA ALA A 128 7.32 2.23 -24.74
C ALA A 128 6.84 1.03 -25.52
N MET A 129 6.42 0.01 -24.76
CA MET A 129 5.93 -1.26 -25.30
C MET A 129 4.42 -1.31 -25.00
N THR A 130 4.09 -1.22 -23.71
CA THR A 130 2.74 -1.43 -23.18
C THR A 130 1.68 -0.45 -23.71
N GLU A 131 0.51 -1.00 -24.01
CA GLU A 131 -0.63 -0.22 -24.52
C GLU A 131 -1.86 -0.48 -23.65
N PRO A 132 -2.89 0.39 -23.72
CA PRO A 132 -4.10 0.14 -22.94
C PRO A 132 -4.63 -1.29 -23.13
N GLY A 133 -4.58 -1.80 -24.36
CA GLY A 133 -5.14 -3.11 -24.69
C GLY A 133 -4.22 -4.31 -24.52
N ALA A 134 -2.93 -4.06 -24.34
CA ALA A 134 -1.96 -5.15 -24.27
C ALA A 134 -0.70 -4.78 -23.49
N GLY A 135 -0.35 -5.64 -22.53
CA GLY A 135 0.89 -5.51 -21.78
C GLY A 135 1.62 -6.83 -21.83
N SER A 136 1.11 -7.82 -21.09
CA SER A 136 1.67 -9.18 -21.12
C SER A 136 1.68 -9.75 -22.55
N ASP A 137 0.58 -9.51 -23.26
CA ASP A 137 0.39 -10.00 -24.63
C ASP A 137 0.97 -8.98 -25.63
N LEU A 138 2.28 -8.81 -25.58
CA LEU A 138 2.97 -7.79 -26.36
C LEU A 138 2.83 -7.94 -27.88
N ALA A 139 2.71 -9.18 -28.35
CA ALA A 139 2.55 -9.42 -29.78
C ALA A 139 1.26 -8.77 -30.32
N ASN A 140 0.33 -8.44 -29.41
CA ASN A 140 -0.97 -7.89 -29.76
C ASN A 140 -1.08 -6.37 -29.68
N ILE A 141 0.05 -5.68 -29.57
CA ILE A 141 0.08 -4.21 -29.62
C ILE A 141 -0.47 -3.71 -30.96
N SER A 142 -1.10 -2.54 -30.96
CA SER A 142 -1.73 -2.04 -32.18
C SER A 142 -1.28 -0.66 -32.65
N THR A 143 -0.30 -0.07 -31.96
CA THR A 143 0.33 1.17 -32.43
C THR A 143 0.93 0.91 -33.82
N THR A 144 0.56 1.73 -34.80
CA THR A 144 1.04 1.55 -36.16
C THR A 144 2.03 2.63 -36.58
N ALA A 145 2.95 2.23 -37.45
CA ALA A 145 3.87 3.17 -38.09
C ALA A 145 3.81 2.90 -39.59
N VAL A 146 3.17 3.81 -40.33
CA VAL A 146 2.99 3.64 -41.75
C VAL A 146 3.97 4.54 -42.48
N LYS A 147 4.78 3.95 -43.36
CA LYS A 147 5.77 4.68 -44.13
C LYS A 147 5.09 5.65 -45.10
N ASP A 148 5.56 6.89 -45.10
CA ASP A 148 5.08 7.92 -46.03
C ASP A 148 6.27 8.81 -46.38
N GLY A 149 6.89 8.54 -47.52
CA GLY A 149 8.07 9.26 -47.95
C GLY A 149 9.27 8.96 -47.06
N ASP A 150 9.87 10.01 -46.52
CA ASP A 150 11.04 9.89 -45.63
C ASP A 150 10.63 9.76 -44.16
N TYR A 151 9.35 9.47 -43.91
CA TYR A 151 8.80 9.46 -42.55
C TYR A 151 7.99 8.22 -42.23
N TYR A 152 7.85 7.94 -40.94
CA TYR A 152 6.86 7.00 -40.44
C TYR A 152 5.73 7.82 -39.81
N ILE A 153 4.49 7.52 -40.21
CA ILE A 153 3.33 8.15 -39.59
C ILE A 153 2.86 7.23 -38.47
N VAL A 154 2.97 7.71 -37.23
CA VAL A 154 2.72 6.88 -36.04
C VAL A 154 1.37 7.21 -35.39
N ASN A 155 0.59 6.17 -35.16
CA ASN A 155 -0.70 6.29 -34.51
C ASN A 155 -0.86 5.24 -33.43
N GLY A 156 -1.19 5.67 -32.23
CA GLY A 156 -1.34 4.72 -31.13
C GLY A 156 -1.20 5.37 -29.77
N GLN A 157 -1.23 4.53 -28.74
CA GLN A 157 -1.16 5.01 -27.37
C GLN A 157 -0.33 4.00 -26.59
N LYS A 158 0.56 4.53 -25.75
CA LYS A 158 1.39 3.72 -24.88
C LYS A 158 1.08 4.12 -23.45
N THR A 159 1.17 3.15 -22.54
CA THR A 159 0.70 3.38 -21.18
C THR A 159 1.74 2.92 -20.16
N PHE A 160 1.69 3.54 -18.97
CA PHE A 160 2.61 3.25 -17.86
C PHE A 160 4.09 3.50 -18.21
N ILE A 161 4.40 4.56 -18.94
CA ILE A 161 5.77 4.74 -19.41
C ILE A 161 6.66 5.42 -18.36
N THR A 162 7.66 4.69 -17.87
CA THR A 162 8.62 5.19 -16.89
C THR A 162 9.44 6.31 -17.56
N ASN A 163 9.75 7.38 -16.81
CA ASN A 163 10.39 8.59 -17.40
C ASN A 163 9.49 9.23 -18.46
N GLY A 164 8.18 9.02 -18.33
CA GLY A 164 7.22 9.48 -19.35
C GLY A 164 7.17 10.97 -19.61
N ILE A 165 7.45 11.78 -18.58
CA ILE A 165 7.50 13.23 -18.72
C ILE A 165 8.89 13.73 -19.15
N HIS A 166 9.94 13.24 -18.48
CA HIS A 166 11.30 13.73 -18.75
C HIS A 166 11.89 13.26 -20.08
N ALA A 167 11.47 12.09 -20.55
CA ALA A 167 12.15 11.44 -21.68
C ALA A 167 12.19 12.30 -22.94
N ASP A 168 13.39 12.41 -23.49
CA ASP A 168 13.66 13.17 -24.73
C ASP A 168 13.79 12.23 -25.92
N LEU A 169 14.11 10.97 -25.63
CA LEU A 169 14.23 9.91 -26.62
C LEU A 169 13.40 8.74 -26.14
N ILE A 170 12.41 8.32 -26.94
CA ILE A 170 11.57 7.19 -26.53
C ILE A 170 11.70 6.08 -27.57
N VAL A 171 12.17 4.91 -27.13
CA VAL A 171 12.18 3.71 -27.99
C VAL A 171 10.76 3.13 -28.04
N VAL A 172 10.12 3.23 -29.20
CA VAL A 172 8.70 2.86 -29.34
C VAL A 172 8.52 1.57 -30.15
N ALA A 173 7.83 0.60 -29.56
CA ALA A 173 7.47 -0.64 -30.27
C ALA A 173 6.17 -0.39 -31.03
N CYS A 174 6.20 -0.58 -32.34
CA CYS A 174 5.02 -0.30 -33.18
C CYS A 174 4.91 -1.31 -34.31
N LYS A 175 3.72 -1.41 -34.89
CA LYS A 175 3.52 -2.32 -36.01
C LYS A 175 3.71 -1.59 -37.34
N THR A 176 4.85 -1.86 -37.98
CA THR A 176 5.14 -1.35 -39.32
C THR A 176 4.40 -2.18 -40.39
N ASP A 177 4.02 -3.40 -40.02
CA ASP A 177 3.15 -4.25 -40.86
C ASP A 177 2.13 -4.96 -39.96
N PRO A 178 0.92 -4.37 -39.82
CA PRO A 178 -0.11 -4.96 -38.97
C PRO A 178 -0.66 -6.29 -39.48
N GLN A 179 -0.46 -6.56 -40.77
CA GLN A 179 -1.02 -7.76 -41.40
C GLN A 179 -0.05 -8.95 -41.41
N ALA A 180 1.15 -8.74 -40.88
CA ALA A 180 2.20 -9.78 -40.88
C ALA A 180 1.80 -11.04 -40.11
N LYS A 181 2.31 -12.19 -40.57
CA LYS A 181 2.03 -13.49 -39.97
C LYS A 181 3.35 -14.21 -39.63
N PRO A 182 3.59 -14.50 -38.33
CA PRO A 182 2.75 -14.18 -37.16
C PRO A 182 2.77 -12.68 -36.84
N PRO A 183 1.80 -12.19 -36.03
CA PRO A 183 1.70 -10.77 -35.71
C PRO A 183 3.02 -10.13 -35.25
N HIS A 184 3.83 -10.87 -34.49
CA HIS A 184 5.07 -10.32 -33.92
C HIS A 184 6.12 -9.95 -34.99
N ARG A 185 6.01 -10.54 -36.18
CA ARG A 185 6.92 -10.24 -37.28
C ARG A 185 6.64 -8.89 -37.94
N GLY A 186 5.57 -8.23 -37.49
CA GLY A 186 5.23 -6.90 -37.97
C GLY A 186 5.68 -5.78 -37.04
N ILE A 187 6.43 -6.13 -35.99
CA ILE A 187 6.86 -5.16 -34.99
C ILE A 187 8.26 -4.62 -35.27
N SER A 188 8.40 -3.31 -35.08
CA SER A 188 9.67 -2.61 -35.25
C SER A 188 9.90 -1.66 -34.09
N LEU A 189 11.16 -1.32 -33.86
CA LEU A 189 11.50 -0.31 -32.87
C LEU A 189 11.83 1.01 -33.55
N LEU A 190 11.18 2.07 -33.11
CA LEU A 190 11.34 3.40 -33.70
C LEU A 190 11.63 4.41 -32.59
N VAL A 191 12.72 5.16 -32.74
CA VAL A 191 13.08 6.18 -31.75
C VAL A 191 12.26 7.45 -32.01
N VAL A 192 11.50 7.88 -30.99
CA VAL A 192 10.71 9.11 -31.11
C VAL A 192 11.34 10.20 -30.24
N GLU A 193 11.64 11.32 -30.86
CA GLU A 193 12.31 12.42 -30.17
C GLU A 193 11.31 13.43 -29.62
N ARG A 194 11.70 14.14 -28.57
CA ARG A 194 10.88 15.22 -28.00
C ARG A 194 10.48 16.21 -29.10
N ASP A 195 9.29 16.80 -28.98
CA ASP A 195 8.78 17.81 -29.92
C ASP A 195 8.47 17.30 -31.33
N THR A 196 8.39 15.98 -31.48
CA THR A 196 7.88 15.35 -32.70
C THR A 196 6.43 15.81 -32.92
N PRO A 197 6.11 16.31 -34.13
CA PRO A 197 4.73 16.71 -34.40
C PRO A 197 3.81 15.49 -34.24
N GLY A 198 2.69 15.67 -33.55
CA GLY A 198 1.71 14.58 -33.33
C GLY A 198 1.94 13.73 -32.08
N PHE A 199 3.06 13.98 -31.40
CA PHE A 199 3.45 13.24 -30.20
C PHE A 199 3.14 14.10 -28.97
N THR A 200 2.24 13.61 -28.13
CA THR A 200 1.91 14.29 -26.88
C THR A 200 2.02 13.32 -25.71
N ARG A 201 1.93 13.87 -24.50
CA ARG A 201 2.07 13.09 -23.29
C ARG A 201 0.90 13.38 -22.35
N GLY A 202 0.51 12.39 -21.56
CA GLY A 202 -0.55 12.58 -20.58
C GLY A 202 -0.02 13.25 -19.34
N ARG A 203 -0.94 13.68 -18.48
CA ARG A 203 -0.59 14.15 -17.14
C ARG A 203 0.04 12.98 -16.37
N LYS A 204 0.95 13.28 -15.44
CA LYS A 204 1.58 12.20 -14.67
C LYS A 204 0.52 11.36 -13.96
N LEU A 205 0.69 10.04 -14.05
CA LEU A 205 -0.27 9.10 -13.48
C LEU A 205 -0.17 9.07 -11.96
N GLU A 206 -1.33 9.14 -11.30
CA GLU A 206 -1.37 8.97 -9.84
C GLU A 206 -1.34 7.48 -9.49
N LYS A 207 -0.31 7.08 -8.75
CA LYS A 207 -0.09 5.66 -8.43
C LYS A 207 -0.07 5.39 -6.92
N VAL A 208 -0.17 4.13 -6.55
CA VAL A 208 -0.09 3.70 -5.14
C VAL A 208 1.25 4.12 -4.51
N GLY A 209 2.31 4.00 -5.30
CA GLY A 209 3.66 4.40 -4.87
C GLY A 209 4.52 4.82 -6.04
N LEU A 210 5.84 4.75 -5.86
CA LEU A 210 6.81 5.32 -6.81
C LEU A 210 6.39 6.76 -7.14
N HIS A 211 6.03 7.49 -6.09
CA HIS A 211 5.41 8.82 -6.23
C HIS A 211 6.30 9.85 -6.94
N ALA A 212 7.62 9.70 -6.84
CA ALA A 212 8.55 10.62 -7.51
C ALA A 212 8.94 10.18 -8.93
N GLN A 213 8.45 9.04 -9.37
CA GLN A 213 8.67 8.57 -10.75
C GLN A 213 7.60 9.15 -11.66
N ASP A 214 8.02 9.82 -12.74
CA ASP A 214 7.10 10.48 -13.66
C ASP A 214 6.52 9.51 -14.71
N THR A 215 5.64 8.63 -14.26
CA THR A 215 4.99 7.67 -15.13
C THR A 215 3.87 8.34 -15.88
N ALA A 216 3.78 8.11 -17.19
CA ALA A 216 2.78 8.77 -18.02
C ALA A 216 2.40 7.96 -19.24
N GLU A 217 1.24 8.30 -19.81
CA GLU A 217 0.83 7.74 -21.09
C GLU A 217 1.40 8.61 -22.21
N LEU A 218 1.63 7.98 -23.37
CA LEU A 218 2.12 8.68 -24.55
C LEU A 218 1.10 8.53 -25.67
N PHE A 219 0.90 9.60 -26.43
CA PHE A 219 -0.10 9.61 -27.50
C PHE A 219 0.55 9.97 -28.83
N PHE A 220 0.25 9.17 -29.85
CA PHE A 220 0.75 9.41 -31.19
C PHE A 220 -0.46 9.56 -32.10
N GLN A 221 -0.71 10.80 -32.52
CA GLN A 221 -1.79 11.13 -33.45
C GLN A 221 -1.13 11.65 -34.73
N ASP A 222 -1.00 10.76 -35.70
CA ASP A 222 -0.27 11.02 -36.95
C ASP A 222 1.12 11.59 -36.68
N ALA A 223 1.85 10.95 -35.77
CA ALA A 223 3.18 11.38 -35.38
C ALA A 223 4.12 11.24 -36.57
N LYS A 224 4.79 12.34 -36.92
CA LYS A 224 5.67 12.37 -38.09
C LYS A 224 7.12 12.11 -37.64
N VAL A 225 7.55 10.86 -37.78
CA VAL A 225 8.86 10.43 -37.29
C VAL A 225 9.79 10.13 -38.47
N PRO A 226 10.96 10.78 -38.53
CA PRO A 226 11.92 10.51 -39.61
C PRO A 226 12.24 9.02 -39.72
N ALA A 227 12.30 8.52 -40.96
CA ALA A 227 12.65 7.13 -41.23
C ALA A 227 14.05 6.77 -40.70
N TYR A 228 14.90 7.78 -40.61
CA TYR A 228 16.24 7.67 -40.00
C TYR A 228 16.18 7.10 -38.57
N ASN A 229 15.06 7.32 -37.89
CA ASN A 229 14.90 6.94 -36.48
C ASN A 229 14.55 5.47 -36.23
N LEU A 230 14.41 4.70 -37.31
CA LEU A 230 14.23 3.26 -37.18
C LEU A 230 15.46 2.64 -36.52
N LEU A 231 15.22 1.87 -35.46
CA LEU A 231 16.29 1.18 -34.75
C LEU A 231 16.33 -0.27 -35.21
N GLY A 232 17.41 -0.63 -35.89
CA GLY A 232 17.60 -1.98 -36.41
C GLY A 232 16.82 -2.24 -37.70
N GLU A 233 16.33 -3.46 -37.85
CA GLU A 233 15.63 -3.87 -39.06
C GLU A 233 14.11 -3.90 -38.85
N GLU A 234 13.36 -3.52 -39.88
CA GLU A 234 11.90 -3.61 -39.86
C GLU A 234 11.46 -5.05 -39.63
N GLY A 235 10.47 -5.23 -38.75
CA GLY A 235 9.95 -6.57 -38.46
C GLY A 235 10.80 -7.45 -37.56
N LYS A 236 11.91 -6.91 -37.05
CA LYS A 236 12.76 -7.64 -36.11
C LYS A 236 12.65 -7.09 -34.69
N GLY A 237 11.77 -6.12 -34.50
CA GLY A 237 11.60 -5.44 -33.21
C GLY A 237 11.34 -6.37 -32.04
N PHE A 238 10.52 -7.41 -32.26
CA PHE A 238 10.18 -8.38 -31.22
C PHE A 238 11.42 -9.14 -30.73
N TYR A 239 12.32 -9.44 -31.67
CA TYR A 239 13.56 -10.15 -31.36
C TYR A 239 14.51 -9.32 -30.50
N TYR A 240 14.62 -8.03 -30.79
CA TYR A 240 15.43 -7.12 -29.98
C TYR A 240 14.89 -7.06 -28.55
N LEU A 241 13.57 -6.93 -28.43
CA LEU A 241 12.91 -6.88 -27.12
C LEU A 241 13.16 -8.14 -26.30
N MET A 242 12.94 -9.32 -26.90
CA MET A 242 13.08 -10.58 -26.18
C MET A 242 14.51 -10.75 -25.66
N GLU A 243 15.47 -10.33 -26.49
CA GLU A 243 16.90 -10.36 -26.16
C GLU A 243 17.25 -9.47 -24.95
N LYS A 244 16.81 -8.22 -24.99
CA LYS A 244 17.15 -7.26 -23.94
C LYS A 244 16.38 -7.44 -22.61
N LEU A 245 15.24 -8.13 -22.67
CA LEU A 245 14.44 -8.37 -21.46
C LEU A 245 15.16 -9.21 -20.38
N GLN A 246 16.19 -9.99 -20.77
CA GLN A 246 17.05 -10.70 -19.79
C GLN A 246 17.69 -9.69 -18.83
N GLN A 247 18.40 -8.69 -19.36
CA GLN A 247 18.97 -7.65 -18.51
C GLN A 247 17.89 -6.86 -17.75
N GLU A 248 16.79 -6.53 -18.42
CA GLU A 248 15.67 -5.80 -17.79
C GLU A 248 15.16 -6.52 -16.52
N ARG A 249 14.87 -7.80 -16.67
CA ARG A 249 14.38 -8.62 -15.55
C ARG A 249 15.43 -8.75 -14.43
N LEU A 250 16.70 -8.81 -14.82
CA LEU A 250 17.79 -8.86 -13.84
C LEU A 250 17.85 -7.56 -13.02
N VAL A 251 17.66 -6.43 -13.69
CA VAL A 251 17.67 -5.13 -13.01
C VAL A 251 16.55 -5.04 -11.98
N VAL A 252 15.36 -5.48 -12.37
CA VAL A 252 14.23 -5.54 -11.44
C VAL A 252 14.51 -6.45 -10.24
N ALA A 253 15.09 -7.62 -10.51
CA ALA A 253 15.46 -8.56 -9.44
C ALA A 253 16.45 -7.92 -8.47
N ILE A 254 17.45 -7.23 -9.01
CA ILE A 254 18.46 -6.54 -8.18
C ILE A 254 17.80 -5.48 -7.26
N ALA A 255 16.91 -4.67 -7.81
CA ALA A 255 16.23 -3.62 -7.05
C ALA A 255 15.30 -4.18 -5.97
N ALA A 256 14.59 -5.26 -6.31
CA ALA A 256 13.72 -5.89 -5.32
C ALA A 256 14.53 -6.54 -4.17
N GLN A 257 15.67 -7.14 -4.50
CA GLN A 257 16.55 -7.75 -3.50
C GLN A 257 17.03 -6.68 -2.52
N THR A 258 17.49 -5.57 -3.07
CA THR A 258 17.93 -4.42 -2.26
C THR A 258 16.80 -3.85 -1.38
N ALA A 259 15.60 -3.74 -1.95
CA ALA A 259 14.44 -3.23 -1.22
C ALA A 259 14.14 -4.11 0.00
N ALA A 260 14.17 -5.43 -0.21
CA ALA A 260 13.98 -6.41 0.89
C ALA A 260 15.03 -6.23 1.99
N GLU A 261 16.29 -6.10 1.59
CA GLU A 261 17.42 -5.88 2.52
C GLU A 261 17.23 -4.60 3.33
N VAL A 262 16.82 -3.53 2.66
CA VAL A 262 16.51 -2.24 3.31
C VAL A 262 15.37 -2.39 4.31
N MET A 263 14.28 -3.02 3.88
CA MET A 263 13.11 -3.18 4.74
C MET A 263 13.41 -4.05 5.97
N PHE A 264 14.23 -5.09 5.79
CA PHE A 264 14.67 -5.94 6.90
C PHE A 264 15.44 -5.12 7.93
N SER A 265 16.38 -4.31 7.45
CA SER A 265 17.19 -3.47 8.33
C SER A 265 16.31 -2.49 9.13
N LEU A 266 15.35 -1.87 8.46
CA LEU A 266 14.37 -1.00 9.14
C LEU A 266 13.64 -1.72 10.26
N THR A 267 13.18 -2.93 9.99
CA THR A 267 12.37 -3.70 10.94
C THR A 267 13.21 -4.16 12.12
N LYS A 268 14.39 -4.68 11.83
CA LYS A 268 15.28 -5.18 12.89
C LYS A 268 15.61 -4.05 13.85
N GLN A 269 15.99 -2.90 13.30
CA GLN A 269 16.32 -1.73 14.13
C GLN A 269 15.13 -1.26 14.94
N TYR A 270 13.95 -1.25 14.34
CA TYR A 270 12.75 -0.84 15.07
C TYR A 270 12.43 -1.73 16.28
N VAL A 271 12.35 -3.04 16.05
CA VAL A 271 11.97 -3.97 17.12
C VAL A 271 13.03 -4.07 18.22
N LYS A 272 14.28 -3.76 17.88
CA LYS A 272 15.36 -3.75 18.88
C LYS A 272 15.26 -2.57 19.85
N GLN A 273 14.60 -1.49 19.41
CA GLN A 273 14.48 -0.28 20.24
C GLN A 273 13.08 -0.08 20.84
N ARG A 274 12.09 -0.83 20.37
CA ARG A 274 10.73 -0.71 20.87
C ARG A 274 10.53 -1.63 22.08
N THR A 275 9.98 -1.09 23.16
CA THR A 275 9.72 -1.91 24.34
C THR A 275 8.22 -2.18 24.52
N ALA A 276 7.89 -3.40 24.93
CA ALA A 276 6.52 -3.79 25.28
C ALA A 276 6.61 -4.92 26.30
N PHE A 277 5.73 -4.88 27.32
CA PHE A 277 5.69 -5.91 28.36
C PHE A 277 7.03 -6.10 29.08
N GLY A 278 7.75 -5.00 29.26
CA GLY A 278 9.03 -4.99 29.98
C GLY A 278 10.20 -5.58 29.21
N LYS A 279 10.00 -5.78 27.91
CA LYS A 279 11.00 -6.38 27.02
C LYS A 279 11.13 -5.55 25.75
N ARG A 280 12.29 -5.63 25.11
CA ARG A 280 12.42 -5.19 23.73
C ARG A 280 11.57 -6.13 22.88
N VAL A 281 10.90 -5.61 21.86
CA VAL A 281 10.04 -6.44 21.02
C VAL A 281 10.86 -7.56 20.35
N SER A 282 12.12 -7.27 20.05
CA SER A 282 13.06 -8.23 19.47
C SER A 282 13.38 -9.42 20.40
N GLU A 283 12.93 -9.36 21.65
CA GLU A 283 13.18 -10.44 22.61
C GLU A 283 12.08 -11.52 22.61
N PHE A 284 10.95 -11.23 21.99
CA PHE A 284 9.88 -12.24 21.89
C PHE A 284 10.23 -13.25 20.82
N GLN A 285 10.03 -14.53 21.14
CA GLN A 285 10.50 -15.60 20.25
C GLN A 285 9.87 -15.56 18.85
N THR A 286 8.57 -15.24 18.78
CA THR A 286 7.91 -15.11 17.47
C THR A 286 8.55 -14.03 16.60
N VAL A 287 8.98 -12.93 17.22
CA VAL A 287 9.66 -11.86 16.49
C VAL A 287 11.02 -12.33 16.01
N GLN A 288 11.76 -12.99 16.89
CA GLN A 288 13.06 -13.60 16.54
C GLN A 288 12.95 -14.57 15.37
N PHE A 289 11.97 -15.45 15.40
CA PHE A 289 11.81 -16.42 14.32
C PHE A 289 11.38 -15.75 13.00
N ARG A 290 10.46 -14.78 13.09
CA ARG A 290 10.03 -14.05 11.90
C ARG A 290 11.21 -13.36 11.23
N LEU A 291 12.07 -12.74 12.06
CA LEU A 291 13.28 -12.10 11.53
C LEU A 291 14.26 -13.12 10.96
N ALA A 292 14.42 -14.25 11.63
CA ALA A 292 15.29 -15.34 11.17
C ALA A 292 14.82 -15.86 9.81
N GLU A 293 13.50 -15.98 9.65
CA GLU A 293 12.92 -16.45 8.38
C GLU A 293 13.13 -15.42 7.27
N MET A 294 12.91 -14.14 7.58
CA MET A 294 13.17 -13.07 6.61
C MET A 294 14.66 -13.06 6.20
N ALA A 295 15.54 -13.16 7.19
CA ALA A 295 16.99 -13.20 6.95
C ALA A 295 17.39 -14.35 6.04
N THR A 296 16.79 -15.52 6.26
CA THR A 296 17.05 -16.72 5.45
C THR A 296 16.65 -16.49 3.99
N GLU A 297 15.43 -16.04 3.78
CA GLU A 297 14.94 -15.82 2.43
C GLU A 297 15.75 -14.72 1.72
N ILE A 298 16.12 -13.68 2.45
CA ILE A 298 16.97 -12.62 1.89
C ILE A 298 18.34 -13.19 1.44
N ALA A 299 18.91 -14.06 2.27
CA ALA A 299 20.19 -14.72 1.97
C ALA A 299 20.08 -15.57 0.71
N LEU A 300 18.98 -16.31 0.59
CA LEU A 300 18.71 -17.09 -0.62
C LEU A 300 18.65 -16.23 -1.89
N GLY A 301 17.90 -15.13 -1.82
CA GLY A 301 17.71 -14.25 -2.96
C GLY A 301 19.02 -13.59 -3.35
N ARG A 302 19.77 -13.15 -2.34
CA ARG A 302 21.07 -12.48 -2.55
C ARG A 302 22.07 -13.43 -3.23
N THR A 303 22.16 -14.64 -2.71
CA THR A 303 23.05 -15.66 -3.29
C THR A 303 22.67 -15.98 -4.73
N PHE A 304 21.36 -16.10 -4.99
CA PHE A 304 20.88 -16.45 -6.33
C PHE A 304 21.09 -15.30 -7.32
N VAL A 305 20.67 -14.09 -6.96
CA VAL A 305 20.83 -12.96 -7.88
C VAL A 305 22.31 -12.69 -8.19
N ASP A 306 23.17 -12.86 -7.18
CA ASP A 306 24.61 -12.68 -7.33
C ASP A 306 25.18 -13.69 -8.33
N ARG A 307 24.70 -14.93 -8.25
CA ARG A 307 25.13 -15.96 -9.20
C ARG A 307 24.65 -15.63 -10.62
N VAL A 308 23.40 -15.20 -10.75
CA VAL A 308 22.86 -14.79 -12.04
C VAL A 308 23.63 -13.61 -12.64
N ILE A 309 23.96 -12.60 -11.83
CA ILE A 309 24.83 -11.50 -12.28
C ILE A 309 26.14 -12.05 -12.89
N GLU A 310 26.79 -12.96 -12.16
CA GLU A 310 28.03 -13.59 -12.65
C GLU A 310 27.86 -14.28 -14.00
N GLU A 311 26.82 -15.11 -14.13
CA GLU A 311 26.47 -15.75 -15.41
C GLU A 311 26.25 -14.74 -16.53
N HIS A 312 25.46 -13.70 -16.22
CA HIS A 312 25.17 -12.63 -17.17
C HIS A 312 26.45 -11.96 -17.67
N MET A 313 27.34 -11.62 -16.73
CA MET A 313 28.59 -10.93 -17.05
C MET A 313 29.55 -11.81 -17.86
N ALA A 314 29.44 -13.13 -17.68
CA ALA A 314 30.22 -14.10 -18.45
C ALA A 314 29.70 -14.31 -19.87
N GLY A 315 28.60 -13.62 -20.22
CA GLY A 315 28.03 -13.67 -21.56
C GLY A 315 27.15 -14.90 -21.80
N LYS A 316 26.69 -15.52 -20.73
CA LYS A 316 25.86 -16.72 -20.84
C LYS A 316 24.37 -16.39 -20.95
N GLN A 317 23.65 -17.22 -21.70
CA GLN A 317 22.21 -17.08 -21.89
C GLN A 317 21.50 -17.75 -20.72
N ILE A 318 20.85 -16.93 -19.87
CA ILE A 318 20.20 -17.42 -18.64
C ILE A 318 18.74 -16.93 -18.49
N VAL A 319 17.97 -17.14 -19.54
CA VAL A 319 16.55 -16.78 -19.59
C VAL A 319 15.77 -17.38 -18.41
N THR A 320 15.98 -18.67 -18.15
CA THR A 320 15.28 -19.36 -17.06
C THR A 320 15.61 -18.77 -15.70
N GLU A 321 16.91 -18.61 -15.44
CA GLU A 321 17.37 -18.20 -14.12
C GLU A 321 16.98 -16.77 -13.78
N VAL A 322 17.00 -15.88 -14.77
CA VAL A 322 16.61 -14.49 -14.53
C VAL A 322 15.10 -14.38 -14.29
N SER A 323 14.32 -15.22 -14.96
CA SER A 323 12.87 -15.27 -14.75
C SER A 323 12.54 -15.78 -13.36
N MET A 324 13.27 -16.81 -12.92
CA MET A 324 13.23 -17.31 -11.54
C MET A 324 13.54 -16.20 -10.53
N ALA A 325 14.68 -15.54 -10.75
CA ALA A 325 15.12 -14.46 -9.88
C ALA A 325 14.06 -13.35 -9.79
N LYS A 326 13.54 -12.93 -10.93
CA LYS A 326 12.56 -11.85 -10.99
C LYS A 326 11.28 -12.16 -10.19
N TRP A 327 10.63 -13.29 -10.46
CA TRP A 327 9.37 -13.55 -9.77
C TRP A 327 9.58 -13.87 -8.29
N TRP A 328 10.56 -14.71 -7.99
CA TRP A 328 10.71 -15.17 -6.61
C TRP A 328 11.17 -14.05 -5.67
N ILE A 329 12.12 -13.25 -6.12
CA ILE A 329 12.64 -12.14 -5.30
C ILE A 329 11.59 -11.04 -5.10
N THR A 330 10.83 -10.73 -6.15
CA THR A 330 9.77 -9.73 -6.00
C THR A 330 8.68 -10.19 -5.02
N GLU A 331 8.25 -11.45 -5.12
CA GLU A 331 7.29 -12.00 -4.15
C GLU A 331 7.87 -12.01 -2.74
N MET A 332 9.15 -12.37 -2.63
CA MET A 332 9.84 -12.41 -1.33
C MET A 332 9.88 -11.02 -0.71
N ALA A 333 10.17 -10.01 -1.53
CA ALA A 333 10.26 -8.63 -1.04
C ALA A 333 8.87 -8.13 -0.61
N LYS A 334 7.82 -8.56 -1.32
CA LYS A 334 6.45 -8.25 -0.92
C LYS A 334 6.13 -8.84 0.46
N ARG A 335 6.58 -10.08 0.71
CA ARG A 335 6.36 -10.73 1.98
C ARG A 335 7.12 -10.03 3.09
N VAL A 336 8.36 -9.67 2.79
CA VAL A 336 9.15 -8.85 3.71
C VAL A 336 8.41 -7.55 4.09
N ALA A 337 7.86 -6.85 3.09
CA ALA A 337 7.16 -5.60 3.31
C ALA A 337 5.95 -5.78 4.25
N ALA A 338 5.18 -6.84 4.03
CA ALA A 338 4.01 -7.15 4.85
C ALA A 338 4.38 -7.43 6.30
N GLU A 339 5.45 -8.21 6.50
CA GLU A 339 5.99 -8.47 7.83
C GLU A 339 6.49 -7.20 8.49
N ALA A 340 7.22 -6.39 7.73
CA ALA A 340 7.76 -5.10 8.22
C ALA A 340 6.66 -4.15 8.70
N MET A 341 5.62 -3.93 7.89
CA MET A 341 4.53 -3.06 8.33
C MET A 341 3.96 -3.57 9.65
N GLN A 342 3.62 -4.86 9.70
CA GLN A 342 2.99 -5.47 10.88
C GLN A 342 3.85 -5.34 12.13
N LEU A 343 5.14 -5.59 11.99
CA LEU A 343 6.04 -5.53 13.14
C LEU A 343 6.29 -4.11 13.67
N HIS A 344 5.93 -3.10 12.88
CA HIS A 344 6.02 -1.70 13.33
C HIS A 344 4.77 -1.26 14.14
N GLY A 345 3.75 -2.13 14.20
CA GLY A 345 2.48 -1.76 14.81
C GLY A 345 1.82 -0.61 14.05
N GLY A 346 1.13 0.26 14.78
CA GLY A 346 0.46 1.43 14.17
C GLY A 346 1.42 2.31 13.37
N TYR A 347 2.67 2.36 13.81
CA TYR A 347 3.70 3.20 13.16
C TYR A 347 4.02 2.80 11.72
N GLY A 348 3.86 1.53 11.39
CA GLY A 348 4.09 1.06 10.02
C GLY A 348 3.06 1.57 9.01
N TYR A 349 1.96 2.09 9.53
CA TYR A 349 0.87 2.64 8.69
C TYR A 349 0.95 4.17 8.57
N MET A 350 1.94 4.76 9.25
CA MET A 350 2.14 6.21 9.27
C MET A 350 3.17 6.64 8.23
N GLU A 351 2.81 7.60 7.40
CA GLU A 351 3.69 8.07 6.32
C GLU A 351 4.96 8.77 6.82
N GLU A 352 4.96 9.18 8.08
CA GLU A 352 6.17 9.71 8.72
C GLU A 352 7.24 8.64 8.92
N TYR A 353 6.85 7.37 8.93
CA TYR A 353 7.82 6.26 8.99
C TYR A 353 8.14 5.76 7.59
N GLU A 354 9.44 5.59 7.32
CA GLU A 354 9.93 5.19 6.00
C GLU A 354 9.33 3.87 5.48
N ILE A 355 9.08 2.93 6.39
CA ILE A 355 8.51 1.64 6.00
C ILE A 355 7.19 1.75 5.23
N ALA A 356 6.38 2.77 5.55
CA ALA A 356 5.10 2.97 4.85
C ALA A 356 5.32 3.11 3.34
N ARG A 357 6.27 3.98 2.99
CA ARG A 357 6.63 4.25 1.60
C ARG A 357 7.23 3.02 0.91
N ARG A 358 8.14 2.34 1.61
CA ARG A 358 8.75 1.12 1.09
C ARG A 358 7.67 0.08 0.78
N TYR A 359 6.69 -0.03 1.67
CA TYR A 359 5.56 -0.96 1.52
C TYR A 359 4.72 -0.65 0.28
N ARG A 360 4.40 0.64 0.08
CA ARG A 360 3.62 1.07 -1.09
C ARG A 360 4.40 0.89 -2.40
N ASP A 361 5.72 0.98 -2.33
CA ASP A 361 6.58 0.94 -3.52
C ASP A 361 6.80 -0.47 -4.08
N ILE A 362 6.84 -1.46 -3.18
CA ILE A 362 7.26 -2.80 -3.59
C ILE A 362 6.33 -3.61 -4.51
N PRO A 363 4.99 -3.53 -4.32
CA PRO A 363 4.18 -4.58 -4.97
C PRO A 363 4.15 -4.53 -6.50
N VAL A 364 4.45 -3.36 -7.05
CA VAL A 364 4.49 -3.18 -8.51
C VAL A 364 5.64 -3.95 -9.17
N SER A 365 6.67 -4.30 -8.38
CA SER A 365 7.80 -5.05 -8.92
C SER A 365 7.38 -6.43 -9.44
N ALA A 366 6.24 -6.94 -8.94
CA ALA A 366 5.68 -8.23 -9.37
C ALA A 366 4.92 -8.10 -10.69
N ILE A 367 4.73 -6.87 -11.15
CA ILE A 367 3.92 -6.57 -12.31
C ILE A 367 4.78 -6.13 -13.51
N TYR A 368 5.65 -5.14 -13.31
CA TYR A 368 6.40 -4.63 -14.47
C TYR A 368 7.62 -5.49 -14.81
N ALA A 369 8.19 -5.22 -16.00
CA ALA A 369 9.22 -6.05 -16.65
C ALA A 369 8.70 -7.46 -16.97
N GLY A 370 7.38 -7.59 -17.03
CA GLY A 370 6.72 -8.88 -17.22
C GLY A 370 6.15 -9.32 -15.89
N THR A 371 4.85 -9.63 -15.85
CA THR A 371 4.23 -10.07 -14.60
C THR A 371 4.86 -11.38 -14.13
N ASN A 372 4.70 -11.67 -12.84
CA ASN A 372 5.26 -12.90 -12.29
C ASN A 372 4.59 -14.14 -12.90
N GLU A 373 3.34 -13.98 -13.36
CA GLU A 373 2.63 -15.03 -14.09
C GLU A 373 3.34 -15.28 -15.43
N MET A 374 3.80 -14.22 -16.08
CA MET A 374 4.59 -14.39 -17.31
C MET A 374 5.95 -15.06 -17.02
N MET A 375 6.57 -14.74 -15.88
CA MET A 375 7.84 -15.38 -15.50
C MET A 375 7.65 -16.89 -15.33
N LYS A 376 6.56 -17.30 -14.67
CA LYS A 376 6.26 -18.73 -14.50
C LYS A 376 5.94 -19.41 -15.84
N THR A 377 5.29 -18.68 -16.75
CA THR A 377 5.01 -19.16 -18.11
C THR A 377 6.32 -19.46 -18.84
N ILE A 378 7.27 -18.53 -18.76
CA ILE A 378 8.58 -18.66 -19.39
C ILE A 378 9.34 -19.86 -18.80
N ILE A 379 9.29 -19.99 -17.48
CA ILE A 379 9.99 -21.09 -16.81
C ILE A 379 9.41 -22.44 -17.28
N ALA A 380 8.09 -22.56 -17.30
CA ALA A 380 7.42 -23.79 -17.71
C ALA A 380 7.78 -24.17 -19.15
N ARG A 381 7.86 -23.17 -20.02
CA ARG A 381 8.27 -23.38 -21.41
C ARG A 381 9.68 -23.95 -21.47
N GLN A 382 10.60 -23.40 -20.66
CA GLN A 382 11.99 -23.88 -20.61
C GLN A 382 12.12 -25.26 -19.96
N LEU A 383 11.13 -25.66 -19.16
CA LEU A 383 11.14 -26.99 -18.55
C LEU A 383 10.75 -28.10 -19.51
N ASP A 384 10.22 -27.71 -20.67
CA ASP A 384 9.72 -28.65 -21.68
C ASP A 384 8.61 -29.55 -21.13
N LEU A 385 7.37 -29.11 -21.29
CA LEU A 385 6.20 -29.77 -20.69
C LEU A 385 5.09 -30.04 -21.72
N ARG B 8 -28.19 -16.05 9.69
CA ARG B 8 -29.47 -16.43 10.34
C ARG B 8 -30.03 -15.35 11.29
N TYR B 9 -29.24 -14.29 11.50
CA TYR B 9 -29.61 -13.16 12.36
C TYR B 9 -30.32 -12.04 11.57
N LEU B 10 -30.47 -12.22 10.27
CA LEU B 10 -31.13 -11.23 9.42
C LEU B 10 -32.54 -11.69 9.10
N ARG B 11 -33.52 -10.86 9.48
CA ARG B 11 -34.92 -11.09 9.15
C ARG B 11 -35.33 -10.11 8.04
N GLU B 12 -36.54 -10.25 7.52
CA GLU B 12 -37.04 -9.40 6.43
C GLU B 12 -36.87 -7.90 6.69
N GLU B 13 -37.11 -7.48 7.93
CA GLU B 13 -36.94 -6.09 8.32
C GLU B 13 -35.51 -5.59 8.06
N HIS B 14 -34.53 -6.46 8.30
CA HIS B 14 -33.12 -6.13 8.06
C HIS B 14 -32.77 -6.05 6.57
N HIS B 15 -33.40 -6.90 5.76
CA HIS B 15 -33.19 -6.87 4.32
C HIS B 15 -33.76 -5.58 3.71
N MET B 16 -34.95 -5.19 4.19
CA MET B 16 -35.60 -3.96 3.77
C MET B 16 -34.77 -2.74 4.21
N PHE B 17 -34.26 -2.78 5.43
CA PHE B 17 -33.41 -1.72 5.97
C PHE B 17 -32.13 -1.57 5.15
N ARG B 18 -31.51 -2.70 4.79
CA ARG B 18 -30.29 -2.68 3.99
C ARG B 18 -30.49 -1.94 2.67
N ALA B 19 -31.60 -2.23 2.00
CA ALA B 19 -31.93 -1.59 0.72
C ALA B 19 -32.11 -0.08 0.88
N ALA B 20 -32.84 0.32 1.91
CA ALA B 20 -33.08 1.73 2.21
C ALA B 20 -31.81 2.48 2.60
N PHE B 21 -30.97 1.86 3.43
CA PHE B 21 -29.70 2.48 3.83
C PHE B 21 -28.76 2.63 2.63
N ARG B 22 -28.71 1.61 1.78
CA ARG B 22 -27.91 1.65 0.55
C ARG B 22 -28.36 2.78 -0.37
N LYS B 23 -29.68 2.94 -0.53
CA LYS B 23 -30.25 4.04 -1.31
C LYS B 23 -29.80 5.41 -0.78
N PHE B 24 -29.85 5.57 0.55
CA PHE B 24 -29.31 6.76 1.23
C PHE B 24 -27.85 7.00 0.89
N LEU B 25 -27.03 5.94 0.93
CA LEU B 25 -25.60 6.07 0.66
C LEU B 25 -25.30 6.34 -0.81
N GLU B 26 -26.13 5.81 -1.71
CA GLU B 26 -25.96 6.07 -3.14
C GLU B 26 -26.14 7.56 -3.44
N LYS B 27 -26.94 8.23 -2.62
CA LYS B 27 -27.14 9.68 -2.71
C LYS B 27 -26.09 10.47 -1.91
N GLU B 28 -25.88 10.09 -0.65
CA GLU B 28 -25.12 10.91 0.30
C GLU B 28 -23.65 10.56 0.51
N ALA B 29 -23.22 9.39 0.05
CA ALA B 29 -21.87 8.91 0.36
C ALA B 29 -21.03 8.50 -0.86
N TYR B 30 -21.52 7.54 -1.64
CA TYR B 30 -20.79 7.06 -2.82
C TYR B 30 -20.25 8.17 -3.75
N PRO B 31 -21.10 9.16 -4.12
CA PRO B 31 -20.62 10.19 -5.05
C PRO B 31 -19.58 11.16 -4.47
N HIS B 32 -19.47 11.19 -3.15
CA HIS B 32 -18.65 12.17 -2.45
C HIS B 32 -17.37 11.60 -1.84
N TYR B 33 -17.28 10.28 -1.75
CA TYR B 33 -16.18 9.62 -1.03
C TYR B 33 -14.78 10.06 -1.49
N ASN B 34 -14.55 10.11 -2.79
CA ASN B 34 -13.24 10.48 -3.32
C ASN B 34 -12.85 11.90 -2.91
N ASP B 35 -13.84 12.80 -2.88
CA ASP B 35 -13.67 14.18 -2.40
C ASP B 35 -13.30 14.21 -0.92
N TRP B 36 -14.01 13.42 -0.12
CA TRP B 36 -13.72 13.32 1.31
C TRP B 36 -12.28 12.90 1.56
N GLU B 37 -11.81 11.95 0.75
CA GLU B 37 -10.43 11.46 0.85
C GLU B 37 -9.43 12.55 0.54
N LYS B 38 -9.72 13.32 -0.51
CA LYS B 38 -8.90 14.48 -0.86
C LYS B 38 -8.91 15.54 0.27
N ARG B 39 -10.05 15.70 0.94
CA ARG B 39 -10.17 16.63 2.08
C ARG B 39 -9.52 16.12 3.37
N GLY B 40 -9.34 14.80 3.46
CA GLY B 40 -8.80 14.17 4.67
C GLY B 40 -9.79 14.04 5.81
N ILE B 41 -11.07 14.29 5.54
CA ILE B 41 -12.08 14.21 6.58
C ILE B 41 -13.46 14.07 5.95
N ILE B 42 -14.36 13.42 6.67
CA ILE B 42 -15.76 13.32 6.27
C ILE B 42 -16.49 14.47 6.96
N PRO B 43 -17.24 15.28 6.17
CA PRO B 43 -17.85 16.47 6.77
C PRO B 43 -18.90 16.14 7.82
N ARG B 44 -19.00 17.01 8.83
CA ARG B 44 -19.99 16.83 9.89
C ARG B 44 -21.42 16.81 9.34
N SER B 45 -21.63 17.44 8.19
CA SER B 45 -22.93 17.45 7.53
C SER B 45 -23.42 16.03 7.21
N PHE B 46 -22.49 15.16 6.81
CA PHE B 46 -22.83 13.75 6.59
C PHE B 46 -23.26 13.05 7.87
N TRP B 47 -22.52 13.30 8.96
CA TRP B 47 -22.87 12.76 10.27
C TRP B 47 -24.28 13.20 10.67
N ALA B 48 -24.58 14.47 10.40
CA ALA B 48 -25.90 15.05 10.70
C ALA B 48 -27.02 14.32 9.94
N LYS B 49 -26.80 14.05 8.66
CA LYS B 49 -27.76 13.31 7.84
C LYS B 49 -27.94 11.88 8.32
N MET B 50 -26.85 11.25 8.76
CA MET B 50 -26.92 9.93 9.38
C MET B 50 -27.77 9.97 10.64
N GLY B 51 -27.54 10.96 11.49
CA GLY B 51 -28.27 11.09 12.76
C GLY B 51 -29.76 11.34 12.59
N GLU B 52 -30.11 12.27 11.72
CA GLU B 52 -31.52 12.63 11.50
C GLU B 52 -32.34 11.50 10.89
N ASN B 53 -31.67 10.61 10.17
CA ASN B 53 -32.31 9.42 9.59
C ASN B 53 -32.32 8.19 10.49
N GLY B 54 -31.71 8.31 11.67
CA GLY B 54 -31.74 7.23 12.67
C GLY B 54 -30.67 6.17 12.46
N PHE B 55 -29.64 6.53 11.69
CA PHE B 55 -28.53 5.61 11.39
C PHE B 55 -27.37 5.70 12.40
N LEU B 56 -27.51 6.56 13.41
CA LEU B 56 -26.52 6.63 14.51
C LEU B 56 -27.09 6.06 15.80
N CYS B 57 -26.29 5.21 16.46
CA CYS B 57 -26.66 4.52 17.70
C CYS B 57 -28.10 3.97 17.74
N PRO B 58 -28.49 3.18 16.72
CA PRO B 58 -29.90 2.77 16.64
C PRO B 58 -30.37 1.90 17.81
N TRP B 59 -29.42 1.27 18.49
CA TRP B 59 -29.69 0.37 19.62
C TRP B 59 -30.07 1.11 20.91
N VAL B 60 -29.82 2.41 20.92
CA VAL B 60 -30.08 3.26 22.10
C VAL B 60 -31.58 3.26 22.40
N ASP B 61 -31.94 3.17 23.67
CA ASP B 61 -33.34 3.13 24.07
C ASP B 61 -34.12 4.33 23.50
N GLU B 62 -35.39 4.10 23.17
CA GLU B 62 -36.25 5.14 22.60
C GLU B 62 -36.34 6.41 23.48
N LYS B 63 -36.22 6.22 24.79
CA LYS B 63 -36.30 7.33 25.75
C LYS B 63 -35.19 8.38 25.60
N TYR B 64 -34.10 8.01 24.92
CA TYR B 64 -33.05 8.99 24.58
C TYR B 64 -33.12 9.37 23.10
N GLY B 65 -34.07 8.80 22.37
CA GLY B 65 -34.24 9.12 20.95
C GLY B 65 -33.74 8.05 19.99
N GLY B 66 -33.28 6.92 20.54
CA GLY B 66 -32.87 5.78 19.74
C GLY B 66 -34.05 4.92 19.32
N LEU B 67 -33.74 3.74 18.75
CA LEU B 67 -34.76 2.89 18.17
C LEU B 67 -34.88 1.51 18.81
N ASN B 68 -34.11 1.26 19.88
CA ASN B 68 -34.04 -0.06 20.51
C ASN B 68 -33.73 -1.17 19.50
N ALA B 69 -32.96 -0.83 18.47
CA ALA B 69 -32.61 -1.78 17.40
C ALA B 69 -31.64 -2.84 17.91
N ASP B 70 -31.78 -4.06 17.41
CA ASP B 70 -30.86 -5.13 17.78
C ASP B 70 -29.54 -4.98 17.03
N PHE B 71 -28.57 -5.82 17.38
CA PHE B 71 -27.21 -5.71 16.85
C PHE B 71 -27.14 -5.95 15.34
N ALA B 72 -28.09 -6.71 14.78
CA ALA B 72 -28.11 -6.98 13.33
C ALA B 72 -28.23 -5.69 12.50
N TYR B 73 -28.92 -4.67 13.03
CA TYR B 73 -28.95 -3.36 12.38
C TYR B 73 -27.58 -2.70 12.30
N SER B 74 -26.80 -2.85 13.36
CA SER B 74 -25.42 -2.34 13.36
C SER B 74 -24.55 -3.10 12.36
N VAL B 75 -24.77 -4.40 12.24
CA VAL B 75 -24.05 -5.22 11.24
C VAL B 75 -24.36 -4.67 9.85
N VAL B 76 -25.64 -4.49 9.54
CA VAL B 76 -26.02 -3.94 8.23
C VAL B 76 -25.38 -2.58 7.96
N ILE B 77 -25.48 -1.66 8.93
CA ILE B 77 -24.90 -0.32 8.78
C ILE B 77 -23.39 -0.38 8.51
N ASN B 78 -22.67 -1.12 9.33
CA ASN B 78 -21.22 -1.20 9.19
C ASN B 78 -20.78 -1.87 7.89
N GLU B 79 -21.48 -2.92 7.49
CA GLU B 79 -21.22 -3.56 6.20
C GLU B 79 -21.46 -2.59 5.04
N GLU B 80 -22.61 -1.93 5.04
CA GLU B 80 -22.94 -1.01 3.95
C GLU B 80 -21.99 0.18 3.85
N LEU B 81 -21.54 0.66 5.00
CA LEU B 81 -20.55 1.75 5.05
C LEU B 81 -19.20 1.30 4.49
N GLU B 82 -18.77 0.09 4.82
CA GLU B 82 -17.51 -0.43 4.28
C GLU B 82 -17.55 -0.59 2.75
N LYS B 83 -18.71 -0.98 2.22
CA LYS B 83 -18.88 -1.08 0.77
C LYS B 83 -18.67 0.28 0.09
N VAL B 84 -18.96 1.37 0.80
CA VAL B 84 -18.52 2.70 0.35
C VAL B 84 -16.99 2.80 0.55
N GLY B 85 -16.53 2.65 1.79
CA GLY B 85 -15.09 2.63 2.03
C GLY B 85 -14.70 2.60 3.49
N SER B 86 -13.45 2.21 3.74
CA SER B 86 -12.94 2.03 5.11
C SER B 86 -12.79 3.33 5.91
N SER B 87 -12.75 4.48 5.24
CA SER B 87 -12.70 5.74 5.98
C SER B 87 -13.97 6.06 6.76
N LEU B 88 -15.03 5.29 6.52
CA LEU B 88 -16.28 5.44 7.26
C LEU B 88 -16.29 4.65 8.58
N VAL B 89 -15.17 4.01 8.93
CA VAL B 89 -15.12 3.24 10.18
C VAL B 89 -15.39 4.05 11.46
N GLY B 90 -15.19 5.37 11.38
CA GLY B 90 -15.51 6.25 12.50
C GLY B 90 -16.96 6.18 12.98
N ILE B 91 -17.89 5.91 12.05
CA ILE B 91 -19.31 5.79 12.39
C ILE B 91 -19.57 4.52 13.20
N GLY B 92 -19.03 3.39 12.72
CA GLY B 92 -19.09 2.15 13.46
C GLY B 92 -18.46 2.25 14.83
N LEU B 93 -17.36 3.00 14.92
CA LEU B 93 -16.69 3.24 16.20
C LEU B 93 -17.60 4.03 17.15
N HIS B 94 -18.16 5.12 16.64
CA HIS B 94 -19.18 5.88 17.38
C HIS B 94 -20.36 4.99 17.81
N ASN B 95 -20.99 4.33 16.85
CA ASN B 95 -22.21 3.53 17.11
C ASN B 95 -22.00 2.34 18.04
N ASP B 96 -20.95 1.57 17.78
CA ASP B 96 -20.86 0.22 18.33
C ASP B 96 -19.66 -0.02 19.22
N ILE B 97 -18.74 0.93 19.26
CA ILE B 97 -17.57 0.82 20.13
C ILE B 97 -17.65 1.75 21.34
N VAL B 98 -17.77 3.06 21.10
CA VAL B 98 -17.65 4.05 22.18
C VAL B 98 -18.97 4.31 22.92
N THR B 99 -20.04 4.61 22.19
CA THR B 99 -21.32 4.93 22.85
C THR B 99 -21.85 3.83 23.78
N PRO B 100 -21.66 2.53 23.43
CA PRO B 100 -21.99 1.48 24.40
C PRO B 100 -21.35 1.61 25.80
N TYR B 101 -20.18 2.26 25.89
CA TYR B 101 -19.57 2.54 27.20
C TYR B 101 -20.46 3.46 28.04
N ILE B 102 -21.03 4.46 27.39
CA ILE B 102 -21.91 5.42 28.07
C ILE B 102 -23.20 4.74 28.54
N ALA B 103 -23.79 3.90 27.70
CA ALA B 103 -25.02 3.19 28.05
C ALA B 103 -24.81 2.14 29.13
N SER B 104 -23.67 1.45 29.09
CA SER B 104 -23.39 0.37 30.03
C SER B 104 -22.94 0.87 31.41
N TYR B 105 -22.14 1.93 31.43
CA TYR B 105 -21.50 2.35 32.68
C TYR B 105 -21.86 3.77 33.14
N GLY B 106 -22.60 4.50 32.30
CA GLY B 106 -23.00 5.85 32.62
C GLY B 106 -24.07 5.87 33.70
N THR B 107 -24.06 6.91 34.52
CA THR B 107 -25.15 7.12 35.47
C THR B 107 -26.38 7.54 34.68
N GLU B 108 -27.55 7.48 35.30
CA GLU B 108 -28.77 7.93 34.63
C GLU B 108 -28.59 9.35 34.09
N GLU B 109 -27.86 10.17 34.85
CA GLU B 109 -27.67 11.59 34.53
C GLU B 109 -26.74 11.82 33.33
N GLN B 110 -25.70 10.99 33.23
CA GLN B 110 -24.75 11.07 32.10
C GLN B 110 -25.41 10.62 30.81
N LYS B 111 -26.13 9.50 30.89
CA LYS B 111 -26.87 8.96 29.75
C LYS B 111 -27.82 10.01 29.19
N GLN B 112 -28.61 10.63 30.08
CA GLN B 112 -29.54 11.68 29.69
C GLN B 112 -28.83 12.88 29.04
N LYS B 113 -27.63 13.20 29.54
CA LYS B 113 -26.84 14.32 29.03
C LYS B 113 -26.17 14.04 27.68
N TRP B 114 -25.76 12.78 27.47
CA TRP B 114 -24.92 12.45 26.32
C TRP B 114 -25.59 11.61 25.22
N LEU B 115 -26.33 10.57 25.62
CA LEU B 115 -26.90 9.63 24.64
C LEU B 115 -27.84 10.23 23.59
N PRO B 116 -28.74 11.17 23.99
CA PRO B 116 -29.55 11.85 22.97
C PRO B 116 -28.74 12.48 21.84
N LYS B 117 -27.67 13.20 22.17
CA LYS B 117 -26.84 13.89 21.19
C LYS B 117 -25.92 12.95 20.37
N CYS B 118 -25.64 11.78 20.91
CA CYS B 118 -24.91 10.75 20.16
C CYS B 118 -25.79 10.15 19.07
N VAL B 119 -27.09 10.02 19.36
CA VAL B 119 -28.09 9.51 18.40
C VAL B 119 -28.27 10.50 17.25
N THR B 120 -28.30 11.79 17.57
CA THR B 120 -28.48 12.85 16.57
C THR B 120 -27.20 13.16 15.79
N GLY B 121 -26.05 12.89 16.42
CA GLY B 121 -24.76 13.21 15.81
C GLY B 121 -24.23 14.60 16.19
N GLU B 122 -24.91 15.26 17.11
CA GLU B 122 -24.44 16.55 17.63
C GLU B 122 -23.10 16.38 18.35
N LEU B 123 -22.97 15.24 19.03
CA LEU B 123 -21.70 14.83 19.64
C LEU B 123 -21.20 13.56 18.94
N ILE B 124 -19.98 13.64 18.41
CA ILE B 124 -19.29 12.48 17.84
C ILE B 124 -18.29 11.98 18.90
N THR B 125 -18.18 10.67 19.04
CA THR B 125 -17.37 10.09 20.11
C THR B 125 -16.05 9.48 19.62
N ALA B 126 -15.12 9.32 20.56
CA ALA B 126 -13.85 8.64 20.34
C ALA B 126 -13.43 7.97 21.65
N ILE B 127 -12.53 6.99 21.54
CA ILE B 127 -11.98 6.33 22.72
C ILE B 127 -10.46 6.35 22.63
N ALA B 128 -9.82 6.70 23.74
CA ALA B 128 -8.38 6.91 23.76
C ALA B 128 -7.69 6.03 24.80
N MET B 129 -7.09 4.95 24.30
CA MET B 129 -6.41 3.93 25.12
C MET B 129 -4.90 4.08 24.86
N THR B 130 -4.53 3.91 23.60
CA THR B 130 -3.15 3.86 23.13
C THR B 130 -2.33 5.14 23.41
N GLU B 131 -1.08 4.93 23.81
CA GLU B 131 -0.14 6.02 24.08
C GLU B 131 1.14 5.79 23.26
N PRO B 132 1.94 6.85 23.02
CA PRO B 132 3.17 6.67 22.25
C PRO B 132 4.00 5.49 22.75
N GLY B 133 4.01 5.30 24.07
CA GLY B 133 4.82 4.29 24.69
C GLY B 133 4.18 2.92 24.87
N ALA B 134 2.88 2.81 24.63
CA ALA B 134 2.13 1.58 24.93
C ALA B 134 0.80 1.42 24.19
N GLY B 135 0.70 0.33 23.43
CA GLY B 135 -0.51 -0.01 22.68
C GLY B 135 -0.99 -1.39 23.09
N SER B 136 -0.30 -2.42 22.60
CA SER B 136 -0.55 -3.81 22.99
C SER B 136 -0.51 -3.96 24.51
N ASP B 137 0.50 -3.33 25.12
CA ASP B 137 0.71 -3.39 26.58
C ASP B 137 -0.10 -2.30 27.28
N LEU B 138 -1.42 -2.43 27.20
CA LEU B 138 -2.36 -1.40 27.68
C LEU B 138 -2.29 -1.17 29.19
N ALA B 139 -1.97 -2.21 29.96
CA ALA B 139 -1.83 -2.07 31.40
C ALA B 139 -0.70 -1.10 31.78
N ASN B 140 0.20 -0.84 30.84
CA ASN B 140 1.35 0.04 31.10
C ASN B 140 1.14 1.48 30.65
N ILE B 141 -0.12 1.89 30.46
CA ILE B 141 -0.42 3.29 30.15
C ILE B 141 0.01 4.21 31.30
N SER B 142 0.44 5.42 30.98
CA SER B 142 0.98 6.33 31.98
C SER B 142 0.23 7.66 32.12
N THR B 143 -0.79 7.89 31.28
CA THR B 143 -1.63 9.07 31.42
C THR B 143 -2.26 9.08 32.81
N THR B 144 -2.07 10.18 33.54
CA THR B 144 -2.55 10.28 34.93
C THR B 144 -3.75 11.21 35.02
N ALA B 145 -4.66 10.88 35.94
CA ALA B 145 -5.78 11.75 36.30
C ALA B 145 -5.80 11.88 37.82
N VAL B 146 -5.38 13.04 38.32
CA VAL B 146 -5.22 13.26 39.75
C VAL B 146 -6.34 14.16 40.26
N LYS B 147 -7.05 13.69 41.28
CA LYS B 147 -8.16 14.44 41.83
C LYS B 147 -7.69 15.70 42.55
N ASP B 148 -8.35 16.81 42.23
CA ASP B 148 -8.18 18.07 42.90
C ASP B 148 -9.59 18.60 42.93
N GLY B 149 -10.43 17.98 43.77
CA GLY B 149 -11.89 18.13 43.77
C GLY B 149 -12.29 19.56 43.45
N ASP B 150 -13.30 19.77 42.61
CA ASP B 150 -14.12 18.70 42.02
C ASP B 150 -13.66 18.39 40.59
N TYR B 151 -12.35 18.36 40.40
CA TYR B 151 -11.78 18.11 39.09
C TYR B 151 -10.75 16.98 39.11
N TYR B 152 -10.51 16.40 37.94
CA TYR B 152 -9.33 15.59 37.68
C TYR B 152 -8.36 16.43 36.87
N ILE B 153 -7.11 16.44 37.29
CA ILE B 153 -6.03 17.07 36.53
C ILE B 153 -5.34 15.97 35.72
N VAL B 154 -5.45 16.08 34.39
CA VAL B 154 -5.02 14.99 33.50
C VAL B 154 -3.74 15.37 32.76
N ASN B 155 -2.79 14.45 32.78
CA ASN B 155 -1.52 14.62 32.09
C ASN B 155 -1.14 13.36 31.32
N GLY B 156 -0.86 13.55 30.04
CA GLY B 156 -0.49 12.44 29.16
C GLY B 156 -0.70 12.70 27.69
N GLN B 157 -0.50 11.65 26.90
CA GLN B 157 -0.62 11.75 25.46
C GLN B 157 -1.23 10.46 24.94
N LYS B 158 -2.19 10.59 24.03
CA LYS B 158 -2.82 9.44 23.40
C LYS B 158 -2.54 9.47 21.91
N THR B 159 -2.32 8.31 21.31
CA THR B 159 -1.96 8.24 19.89
C THR B 159 -2.90 7.39 19.07
N PHE B 160 -2.97 7.70 17.77
CA PHE B 160 -3.78 6.98 16.79
C PHE B 160 -5.27 7.03 17.08
N ILE B 161 -5.80 8.18 17.49
CA ILE B 161 -7.20 8.21 17.88
C ILE B 161 -8.17 8.42 16.71
N THR B 162 -8.97 7.39 16.44
CA THR B 162 -10.01 7.44 15.40
C THR B 162 -11.06 8.50 15.80
N ASN B 163 -11.53 9.28 14.82
CA ASN B 163 -12.39 10.46 15.08
C ASN B 163 -11.68 11.50 15.96
N GLY B 164 -10.35 11.48 15.93
CA GLY B 164 -9.54 12.35 16.80
C GLY B 164 -9.76 13.86 16.61
N ILE B 165 -10.16 14.26 15.41
CA ILE B 165 -10.47 15.68 15.12
C ILE B 165 -11.94 16.01 15.40
N HIS B 166 -12.85 15.24 14.81
CA HIS B 166 -14.28 15.46 15.01
C HIS B 166 -14.78 15.31 16.44
N ALA B 167 -14.19 14.39 17.20
CA ALA B 167 -14.78 13.94 18.47
C ALA B 167 -15.03 15.08 19.46
N ASP B 168 -16.27 15.12 19.96
CA ASP B 168 -16.69 16.11 20.97
C ASP B 168 -16.69 15.48 22.36
N LEU B 169 -16.72 14.15 22.40
CA LEU B 169 -16.60 13.40 23.64
C LEU B 169 -15.54 12.34 23.43
N ILE B 170 -14.54 12.31 24.31
CA ILE B 170 -13.51 11.27 24.23
C ILE B 170 -13.47 10.48 25.53
N VAL B 171 -13.70 9.17 25.44
CA VAL B 171 -13.53 8.27 26.59
C VAL B 171 -12.03 7.97 26.75
N VAL B 172 -11.44 8.48 27.82
CA VAL B 172 -9.99 8.40 28.01
C VAL B 172 -9.65 7.40 29.14
N ALA B 173 -8.83 6.41 28.81
CA ALA B 173 -8.26 5.51 29.80
C ALA B 173 -7.07 6.19 30.47
N CYS B 174 -7.11 6.27 31.80
CA CYS B 174 -6.07 6.94 32.55
C CYS B 174 -5.85 6.29 33.91
N LYS B 175 -4.70 6.57 34.50
CA LYS B 175 -4.32 6.04 35.81
C LYS B 175 -4.72 7.04 36.88
N THR B 176 -5.80 6.73 37.60
CA THR B 176 -6.21 7.53 38.76
C THR B 176 -5.44 7.11 40.02
N ASP B 177 -4.79 5.94 39.96
CA ASP B 177 -3.84 5.51 40.98
C ASP B 177 -2.65 4.82 40.32
N PRO B 178 -1.58 5.59 40.02
CA PRO B 178 -0.42 5.04 39.35
C PRO B 178 0.41 4.07 40.21
N GLN B 179 0.06 3.98 41.51
CA GLN B 179 0.73 3.06 42.43
C GLN B 179 -0.17 1.87 42.81
N ALA B 180 -1.08 1.52 41.90
CA ALA B 180 -2.16 0.56 42.18
C ALA B 180 -1.71 -0.84 42.59
N LYS B 181 -0.65 -1.35 41.96
CA LYS B 181 -0.12 -2.69 42.28
C LYS B 181 -1.20 -3.66 42.73
N PRO B 182 -1.78 -4.44 41.79
CA PRO B 182 -1.33 -4.54 40.39
C PRO B 182 -1.76 -3.34 39.53
N PRO B 183 -0.86 -2.82 38.69
CA PRO B 183 -1.03 -1.59 37.89
C PRO B 183 -2.39 -1.40 37.23
N HIS B 184 -2.96 -2.47 36.66
CA HIS B 184 -4.24 -2.37 35.95
C HIS B 184 -5.40 -1.95 36.88
N ARG B 185 -5.24 -2.18 38.18
CA ARG B 185 -6.24 -1.79 39.18
C ARG B 185 -6.34 -0.28 39.41
N GLY B 186 -5.44 0.48 38.82
CA GLY B 186 -5.44 1.93 38.99
C GLY B 186 -6.00 2.66 37.79
N ILE B 187 -6.60 1.92 36.85
CA ILE B 187 -7.14 2.50 35.62
C ILE B 187 -8.61 2.89 35.75
N SER B 188 -8.93 4.11 35.33
CA SER B 188 -10.31 4.58 35.23
C SER B 188 -10.59 5.09 33.83
N LEU B 189 -11.88 5.22 33.51
CA LEU B 189 -12.34 5.85 32.27
C LEU B 189 -12.91 7.22 32.59
N LEU B 190 -12.45 8.22 31.86
CA LEU B 190 -12.82 9.60 32.08
C LEU B 190 -13.26 10.23 30.76
N VAL B 191 -14.47 10.78 30.74
CA VAL B 191 -15.00 11.45 29.54
C VAL B 191 -14.45 12.88 29.46
N VAL B 192 -13.72 13.17 28.38
CA VAL B 192 -13.16 14.50 28.17
C VAL B 192 -13.93 15.18 27.06
N GLU B 193 -14.48 16.36 27.36
CA GLU B 193 -15.31 17.10 26.42
C GLU B 193 -14.50 18.10 25.60
N ARG B 194 -14.98 18.37 24.38
CA ARG B 194 -14.39 19.39 23.52
C ARG B 194 -14.24 20.69 24.32
N ASP B 195 -13.14 21.40 24.09
CA ASP B 195 -12.85 22.70 24.73
C ASP B 195 -12.55 22.58 26.24
N THR B 196 -12.03 21.43 26.66
CA THR B 196 -11.47 21.25 28.00
C THR B 196 -10.15 22.04 28.05
N PRO B 197 -9.94 22.85 29.12
CA PRO B 197 -8.65 23.56 29.23
C PRO B 197 -7.48 22.58 29.34
N GLY B 198 -6.43 22.84 28.58
CA GLY B 198 -5.22 22.01 28.60
C GLY B 198 -5.29 20.76 27.71
N PHE B 199 -6.42 20.61 27.01
CA PHE B 199 -6.64 19.50 26.08
C PHE B 199 -6.50 20.01 24.66
N THR B 200 -5.48 19.52 23.97
CA THR B 200 -5.22 19.91 22.59
C THR B 200 -5.06 18.66 21.71
N ARG B 201 -5.10 18.87 20.40
CA ARG B 201 -5.05 17.78 19.43
C ARG B 201 -3.93 18.02 18.44
N GLY B 202 -3.31 16.94 17.99
CA GLY B 202 -2.32 17.01 16.92
C GLY B 202 -2.97 17.21 15.56
N ARG B 203 -2.13 17.43 14.56
CA ARG B 203 -2.58 17.49 13.17
C ARG B 203 -3.09 16.13 12.72
N LYS B 204 -4.05 16.14 11.80
CA LYS B 204 -4.50 14.89 11.19
C LYS B 204 -3.27 14.10 10.72
N LEU B 205 -3.19 12.85 11.16
CA LEU B 205 -2.07 11.99 10.81
C LEU B 205 -2.10 11.60 9.33
N GLU B 206 -0.93 11.61 8.70
CA GLU B 206 -0.79 11.18 7.31
C GLU B 206 -0.57 9.67 7.33
N LYS B 207 -1.51 8.93 6.75
CA LYS B 207 -1.51 7.46 6.81
C LYS B 207 -1.40 6.83 5.42
N VAL B 208 -1.05 5.55 5.38
CA VAL B 208 -0.98 4.80 4.11
C VAL B 208 -2.35 4.77 3.43
N GLY B 209 -3.41 4.66 4.22
CA GLY B 209 -4.77 4.69 3.70
C GLY B 209 -5.71 5.24 4.74
N LEU B 210 -7.00 4.89 4.64
CA LEU B 210 -8.07 5.48 5.46
C LEU B 210 -7.94 7.01 5.42
N HIS B 211 -7.76 7.52 4.21
CA HIS B 211 -7.44 8.92 4.00
C HIS B 211 -8.51 9.91 4.47
N ALA B 212 -9.77 9.48 4.50
CA ALA B 212 -10.85 10.34 4.98
C ALA B 212 -11.19 10.15 6.47
N GLN B 213 -10.44 9.28 7.14
CA GLN B 213 -10.63 9.07 8.58
C GLN B 213 -9.67 9.99 9.34
N ASP B 214 -10.24 10.84 10.20
CA ASP B 214 -9.45 11.85 10.91
C ASP B 214 -8.75 11.31 12.16
N THR B 215 -7.65 10.59 11.95
CA THR B 215 -6.88 10.03 13.05
C THR B 215 -5.93 11.09 13.60
N ALA B 216 -5.87 11.23 14.92
CA ALA B 216 -5.01 12.24 15.54
C ALA B 216 -4.49 11.82 16.90
N GLU B 217 -3.43 12.50 17.33
CA GLU B 217 -2.93 12.37 18.69
C GLU B 217 -3.64 13.36 19.60
N LEU B 218 -3.75 13.02 20.87
CA LEU B 218 -4.39 13.90 21.85
C LEU B 218 -3.39 14.24 22.95
N PHE B 219 -3.43 15.48 23.41
CA PHE B 219 -2.48 15.96 24.40
C PHE B 219 -3.20 16.52 25.61
N PHE B 220 -2.77 16.09 26.78
CA PHE B 220 -3.31 16.58 28.04
C PHE B 220 -2.18 17.15 28.87
N GLN B 221 -2.22 18.47 29.08
CA GLN B 221 -1.24 19.18 29.90
C GLN B 221 -2.00 19.93 30.98
N ASP B 222 -1.97 19.36 32.19
CA ASP B 222 -2.82 19.80 33.31
C ASP B 222 -4.25 20.09 32.86
N ALA B 223 -4.82 19.19 32.07
CA ALA B 223 -6.19 19.34 31.61
C ALA B 223 -7.17 19.25 32.78
N LYS B 224 -8.05 20.25 32.89
CA LYS B 224 -9.02 20.30 33.98
C LYS B 224 -10.33 19.63 33.56
N VAL B 225 -10.54 18.41 34.07
CA VAL B 225 -11.73 17.63 33.74
C VAL B 225 -12.63 17.47 34.96
N PRO B 226 -13.91 17.89 34.85
CA PRO B 226 -14.88 17.74 35.95
C PRO B 226 -14.98 16.30 36.43
N ALA B 227 -15.00 16.11 37.74
CA ALA B 227 -15.01 14.77 38.36
C ALA B 227 -16.27 13.97 38.04
N TYR B 228 -17.36 14.66 37.71
CA TYR B 228 -18.59 13.97 37.31
C TYR B 228 -18.51 13.36 35.90
N ASN B 229 -17.38 13.57 35.23
CA ASN B 229 -17.10 12.95 33.94
C ASN B 229 -16.44 11.57 34.05
N LEU B 230 -16.18 11.13 35.28
CA LEU B 230 -15.79 9.75 35.55
C LEU B 230 -16.88 8.80 35.07
N LEU B 231 -16.46 7.77 34.34
CA LEU B 231 -17.37 6.77 33.79
C LEU B 231 -17.21 5.46 34.56
N GLY B 232 -18.26 5.05 35.28
CA GLY B 232 -18.21 3.89 36.16
C GLY B 232 -17.50 4.21 37.46
N GLU B 233 -16.81 3.22 38.01
CA GLU B 233 -16.06 3.39 39.26
C GLU B 233 -14.57 3.58 39.00
N GLU B 234 -13.92 4.34 39.88
CA GLU B 234 -12.48 4.46 39.89
C GLU B 234 -11.80 3.10 40.01
N GLY B 235 -10.79 2.88 39.17
CA GLY B 235 -9.95 1.69 39.26
C GLY B 235 -10.53 0.45 38.60
N LYS B 236 -11.70 0.59 37.97
CA LYS B 236 -12.34 -0.53 37.28
C LYS B 236 -12.37 -0.37 35.76
N GLY B 237 -11.67 0.67 35.27
CA GLY B 237 -11.56 0.95 33.84
C GLY B 237 -11.05 -0.20 33.00
N PHE B 238 -10.01 -0.89 33.49
CA PHE B 238 -9.42 -2.02 32.76
C PHE B 238 -10.48 -3.11 32.52
N TYR B 239 -11.30 -3.36 33.55
CA TYR B 239 -12.38 -4.35 33.46
C TYR B 239 -13.44 -3.99 32.42
N TYR B 240 -13.82 -2.71 32.37
CA TYR B 240 -14.77 -2.21 31.35
C TYR B 240 -14.21 -2.41 29.95
N LEU B 241 -12.93 -2.10 29.78
CA LEU B 241 -12.23 -2.24 28.49
C LEU B 241 -12.16 -3.69 28.02
N MET B 242 -11.75 -4.60 28.91
CA MET B 242 -11.66 -6.01 28.53
C MET B 242 -13.02 -6.57 28.13
N GLU B 243 -14.07 -6.11 28.83
CA GLU B 243 -15.45 -6.47 28.54
C GLU B 243 -15.92 -6.02 27.15
N LYS B 244 -15.67 -4.75 26.82
CA LYS B 244 -16.16 -4.17 25.57
C LYS B 244 -15.31 -4.52 24.34
N LEU B 245 -14.10 -5.03 24.56
CA LEU B 245 -13.21 -5.31 23.45
C LEU B 245 -13.69 -6.47 22.56
N GLN B 246 -14.57 -7.30 23.10
CA GLN B 246 -15.16 -8.39 22.32
C GLN B 246 -16.04 -7.86 21.17
N GLN B 247 -16.91 -6.90 21.46
CA GLN B 247 -17.68 -6.26 20.38
C GLN B 247 -16.79 -5.44 19.45
N GLU B 248 -15.77 -4.79 19.99
CA GLU B 248 -14.81 -4.02 19.18
C GLU B 248 -14.14 -4.90 18.12
N ARG B 249 -13.64 -6.04 18.57
CA ARG B 249 -12.98 -7.01 17.69
C ARG B 249 -13.94 -7.60 16.66
N LEU B 250 -15.19 -7.80 17.07
CA LEU B 250 -16.20 -8.29 16.16
C LEU B 250 -16.47 -7.28 15.04
N VAL B 251 -16.54 -6.00 15.39
CA VAL B 251 -16.77 -4.93 14.41
C VAL B 251 -15.66 -4.90 13.34
N VAL B 252 -14.42 -5.04 13.80
CA VAL B 252 -13.27 -5.09 12.88
C VAL B 252 -13.36 -6.29 11.95
N ALA B 253 -13.67 -7.47 12.52
CA ALA B 253 -13.82 -8.68 11.72
C ALA B 253 -14.88 -8.52 10.64
N ILE B 254 -16.03 -7.95 11.01
CA ILE B 254 -17.13 -7.70 10.07
C ILE B 254 -16.69 -6.78 8.91
N ALA B 255 -15.99 -5.69 9.25
CA ALA B 255 -15.53 -4.75 8.24
C ALA B 255 -14.49 -5.39 7.29
N ALA B 256 -13.58 -6.18 7.85
CA ALA B 256 -12.57 -6.84 7.03
C ALA B 256 -13.20 -7.89 6.10
N GLN B 257 -14.16 -8.64 6.65
CA GLN B 257 -14.90 -9.62 5.84
C GLN B 257 -15.55 -8.93 4.64
N THR B 258 -16.20 -7.79 4.88
CA THR B 258 -16.87 -7.03 3.84
C THR B 258 -15.87 -6.50 2.82
N ALA B 259 -14.74 -5.98 3.28
CA ALA B 259 -13.66 -5.52 2.38
C ALA B 259 -13.18 -6.64 1.44
N ALA B 260 -12.97 -7.83 1.99
CA ALA B 260 -12.57 -9.01 1.21
C ALA B 260 -13.60 -9.30 0.09
N GLU B 261 -14.87 -9.28 0.46
CA GLU B 261 -15.96 -9.54 -0.49
C GLU B 261 -15.98 -8.50 -1.62
N VAL B 262 -15.84 -7.23 -1.24
CA VAL B 262 -15.79 -6.12 -2.20
C VAL B 262 -14.61 -6.29 -3.17
N MET B 263 -13.43 -6.55 -2.61
CA MET B 263 -12.22 -6.71 -3.42
C MET B 263 -12.29 -7.93 -4.35
N PHE B 264 -12.87 -9.02 -3.85
CA PHE B 264 -13.11 -10.19 -4.68
C PHE B 264 -13.98 -9.85 -5.88
N SER B 265 -15.07 -9.13 -5.63
CA SER B 265 -16.02 -8.77 -6.70
C SER B 265 -15.36 -7.89 -7.76
N LEU B 266 -14.62 -6.88 -7.31
CA LEU B 266 -13.84 -6.02 -8.21
C LEU B 266 -12.91 -6.84 -9.09
N THR B 267 -12.21 -7.79 -8.47
CA THR B 267 -11.21 -8.60 -9.18
C THR B 267 -11.86 -9.55 -10.19
N LYS B 268 -12.89 -10.27 -9.74
CA LYS B 268 -13.63 -11.16 -10.62
C LYS B 268 -14.17 -10.41 -11.84
N GLN B 269 -14.82 -9.26 -11.63
CA GLN B 269 -15.33 -8.46 -12.75
C GLN B 269 -14.23 -8.00 -13.70
N TYR B 270 -13.11 -7.56 -13.13
CA TYR B 270 -12.00 -7.13 -13.98
C TYR B 270 -11.48 -8.25 -14.88
N VAL B 271 -11.15 -9.40 -14.30
CA VAL B 271 -10.54 -10.50 -15.06
C VAL B 271 -11.52 -11.14 -16.05
N LYS B 272 -12.81 -10.93 -15.83
CA LYS B 272 -13.82 -11.40 -16.78
C LYS B 272 -13.98 -10.48 -17.99
N GLN B 273 -13.60 -9.22 -17.84
CA GLN B 273 -13.70 -8.26 -18.94
C GLN B 273 -12.37 -8.06 -19.66
N ARG B 274 -11.27 -8.38 -18.99
CA ARG B 274 -9.93 -8.19 -19.56
C ARG B 274 -9.52 -9.40 -20.39
N THR B 275 -9.03 -9.17 -21.60
CA THR B 275 -8.57 -10.27 -22.46
C THR B 275 -7.08 -10.20 -22.71
N ALA B 276 -6.49 -11.38 -22.89
CA ALA B 276 -5.08 -11.54 -23.24
C ALA B 276 -4.89 -12.87 -23.92
N PHE B 277 -4.08 -12.92 -24.98
CA PHE B 277 -3.77 -14.15 -25.71
C PHE B 277 -5.02 -14.87 -26.23
N GLY B 278 -6.03 -14.09 -26.64
CA GLY B 278 -7.24 -14.63 -27.24
C GLY B 278 -8.27 -15.21 -26.27
N LYS B 279 -8.10 -14.91 -24.98
CA LYS B 279 -8.98 -15.43 -23.93
C LYS B 279 -9.25 -14.35 -22.89
N ARG B 280 -10.35 -14.47 -22.16
CA ARG B 280 -10.54 -13.71 -20.93
C ARG B 280 -9.46 -14.14 -19.96
N VAL B 281 -8.93 -13.18 -19.20
CA VAL B 281 -7.95 -13.51 -18.16
C VAL B 281 -8.53 -14.59 -17.21
N SER B 282 -9.83 -14.48 -16.94
CA SER B 282 -10.58 -15.42 -16.10
C SER B 282 -10.68 -16.84 -16.67
N GLU B 283 -10.26 -17.02 -17.93
CA GLU B 283 -10.26 -18.35 -18.53
C GLU B 283 -8.97 -19.16 -18.32
N PHE B 284 -7.89 -18.49 -17.93
CA PHE B 284 -6.64 -19.20 -17.65
C PHE B 284 -6.76 -19.95 -16.35
N GLN B 285 -6.31 -21.21 -16.36
CA GLN B 285 -6.62 -22.12 -15.27
C GLN B 285 -6.07 -21.63 -13.93
N THR B 286 -4.87 -21.04 -13.94
CA THR B 286 -4.28 -20.53 -12.70
C THR B 286 -5.13 -19.42 -12.09
N VAL B 287 -5.71 -18.57 -12.94
CA VAL B 287 -6.60 -17.49 -12.48
C VAL B 287 -7.89 -18.07 -11.88
N GLN B 288 -8.45 -19.06 -12.55
CA GLN B 288 -9.62 -19.79 -12.06
C GLN B 288 -9.39 -20.39 -10.67
N PHE B 289 -8.25 -21.06 -10.49
CA PHE B 289 -7.91 -21.67 -9.20
C PHE B 289 -7.66 -20.61 -8.11
N ARG B 290 -6.97 -19.52 -8.46
CA ARG B 290 -6.76 -18.44 -7.50
C ARG B 290 -8.09 -17.84 -7.04
N LEU B 291 -9.00 -17.60 -8.00
CA LEU B 291 -10.32 -17.10 -7.65
C LEU B 291 -11.14 -18.12 -6.83
N ALA B 292 -11.02 -19.40 -7.16
CA ALA B 292 -11.67 -20.47 -6.39
C ALA B 292 -11.16 -20.50 -4.93
N GLU B 293 -9.85 -20.34 -4.76
CA GLU B 293 -9.27 -20.30 -3.41
C GLU B 293 -9.73 -19.06 -2.63
N MET B 294 -9.75 -17.90 -3.28
CA MET B 294 -10.24 -16.67 -2.63
C MET B 294 -11.72 -16.84 -2.24
N ALA B 295 -12.54 -17.35 -3.16
CA ALA B 295 -13.96 -17.57 -2.89
C ALA B 295 -14.16 -18.49 -1.68
N THR B 296 -13.34 -19.55 -1.61
CA THR B 296 -13.37 -20.51 -0.50
C THR B 296 -13.06 -19.84 0.84
N GLU B 297 -11.95 -19.12 0.92
CA GLU B 297 -11.58 -18.47 2.17
C GLU B 297 -12.61 -17.40 2.58
N ILE B 298 -13.16 -16.69 1.59
CA ILE B 298 -14.20 -15.71 1.85
C ILE B 298 -15.44 -16.38 2.45
N ALA B 299 -15.83 -17.52 1.90
CA ALA B 299 -16.96 -18.29 2.40
C ALA B 299 -16.71 -18.78 3.82
N LEU B 300 -15.49 -19.24 4.09
CA LEU B 300 -15.12 -19.65 5.46
C LEU B 300 -15.25 -18.50 6.47
N GLY B 301 -14.74 -17.33 6.10
CA GLY B 301 -14.82 -16.15 6.95
C GLY B 301 -16.25 -15.67 7.18
N ARG B 302 -17.04 -15.66 6.12
CA ARG B 302 -18.44 -15.22 6.20
C ARG B 302 -19.23 -16.12 7.16
N THR B 303 -19.09 -17.44 6.98
CA THR B 303 -19.77 -18.43 7.80
C THR B 303 -19.35 -18.29 9.27
N PHE B 304 -18.05 -18.10 9.48
CA PHE B 304 -17.52 -17.98 10.84
C PHE B 304 -17.99 -16.70 11.51
N VAL B 305 -17.83 -15.54 10.86
CA VAL B 305 -18.24 -14.27 11.47
C VAL B 305 -19.76 -14.24 11.72
N ASP B 306 -20.55 -14.82 10.81
CA ASP B 306 -22.00 -14.87 10.97
C ASP B 306 -22.39 -15.68 12.22
N ARG B 307 -21.69 -16.79 12.46
CA ARG B 307 -21.91 -17.61 13.65
C ARG B 307 -21.50 -16.88 14.93
N VAL B 308 -20.38 -16.15 14.87
CA VAL B 308 -19.93 -15.33 16.00
C VAL B 308 -20.95 -14.22 16.33
N ILE B 309 -21.46 -13.56 15.30
CA ILE B 309 -22.51 -12.55 15.48
C ILE B 309 -23.72 -13.15 16.22
N GLU B 310 -24.19 -14.31 15.75
CA GLU B 310 -25.28 -15.06 16.38
C GLU B 310 -25.01 -15.35 17.87
N GLU B 311 -23.83 -15.88 18.17
CA GLU B 311 -23.42 -16.15 19.56
C GLU B 311 -23.38 -14.89 20.42
N HIS B 312 -22.85 -13.82 19.84
CA HIS B 312 -22.72 -12.53 20.51
C HIS B 312 -24.11 -11.97 20.85
N MET B 313 -25.03 -12.06 19.89
CA MET B 313 -26.41 -11.57 20.06
C MET B 313 -27.17 -12.40 21.09
N ALA B 314 -26.78 -13.67 21.23
CA ALA B 314 -27.33 -14.59 22.25
C ALA B 314 -26.78 -14.31 23.66
N GLY B 315 -25.87 -13.34 23.76
CA GLY B 315 -25.31 -12.90 25.04
C GLY B 315 -24.24 -13.81 25.60
N LYS B 316 -23.70 -14.69 24.76
CA LYS B 316 -22.65 -15.63 25.21
C LYS B 316 -21.26 -15.01 25.11
N GLN B 317 -20.35 -15.47 25.98
CA GLN B 317 -18.95 -15.03 25.96
C GLN B 317 -18.23 -15.69 24.80
N ILE B 318 -17.67 -14.86 23.91
CA ILE B 318 -17.08 -15.31 22.66
C ILE B 318 -15.62 -14.87 22.50
N VAL B 319 -14.93 -14.67 23.63
CA VAL B 319 -13.56 -14.11 23.63
C VAL B 319 -12.63 -14.83 22.64
N THR B 320 -12.58 -16.15 22.72
CA THR B 320 -11.69 -16.93 21.85
C THR B 320 -12.11 -16.77 20.40
N GLU B 321 -13.41 -16.97 20.16
CA GLU B 321 -13.96 -16.98 18.80
C GLU B 321 -13.82 -15.65 18.09
N VAL B 322 -14.06 -14.56 18.82
CA VAL B 322 -13.94 -13.24 18.18
C VAL B 322 -12.49 -12.90 17.88
N SER B 323 -11.57 -13.36 18.74
CA SER B 323 -10.14 -13.16 18.54
C SER B 323 -9.68 -13.94 17.30
N MET B 324 -10.22 -15.15 17.14
CA MET B 324 -9.99 -15.97 15.94
C MET B 324 -10.50 -15.26 14.69
N ALA B 325 -11.73 -14.74 14.77
CA ALA B 325 -12.34 -14.08 13.63
C ALA B 325 -11.53 -12.84 13.24
N LYS B 326 -11.13 -12.07 14.24
CA LYS B 326 -10.41 -10.82 14.00
C LYS B 326 -9.10 -11.07 13.26
N TRP B 327 -8.23 -11.93 13.78
CA TRP B 327 -6.93 -12.11 13.15
C TRP B 327 -7.03 -12.84 11.81
N TRP B 328 -7.84 -13.90 11.76
CA TRP B 328 -7.86 -14.73 10.56
C TRP B 328 -8.49 -13.96 9.39
N ILE B 329 -9.61 -13.29 9.65
CA ILE B 329 -10.31 -12.58 8.57
C ILE B 329 -9.49 -11.38 8.08
N THR B 330 -8.83 -10.65 8.98
CA THR B 330 -7.98 -9.53 8.52
C THR B 330 -6.79 -10.00 7.69
N GLU B 331 -6.17 -11.12 8.08
CA GLU B 331 -5.09 -11.70 7.27
C GLU B 331 -5.59 -12.19 5.92
N MET B 332 -6.77 -12.84 5.92
CA MET B 332 -7.42 -13.30 4.67
C MET B 332 -7.71 -12.12 3.74
N ALA B 333 -8.25 -11.04 4.30
CA ALA B 333 -8.57 -9.86 3.52
C ALA B 333 -7.30 -9.24 2.91
N LYS B 334 -6.21 -9.26 3.67
CA LYS B 334 -4.89 -8.82 3.17
C LYS B 334 -4.42 -9.67 1.99
N ARG B 335 -4.60 -10.99 2.10
CA ARG B 335 -4.23 -11.91 1.02
C ARG B 335 -5.07 -11.65 -0.22
N VAL B 336 -6.37 -11.44 -0.02
CA VAL B 336 -7.27 -11.05 -1.10
C VAL B 336 -6.78 -9.76 -1.80
N ALA B 337 -6.43 -8.76 -1.01
CA ALA B 337 -5.92 -7.49 -1.55
C ALA B 337 -4.68 -7.71 -2.44
N ALA B 338 -3.74 -8.52 -1.97
CA ALA B 338 -2.50 -8.78 -2.71
C ALA B 338 -2.79 -9.49 -4.05
N GLU B 339 -3.69 -10.48 -4.00
CA GLU B 339 -4.16 -11.14 -5.22
C GLU B 339 -4.85 -10.15 -6.16
N ALA B 340 -5.72 -9.31 -5.61
CA ALA B 340 -6.47 -8.34 -6.40
C ALA B 340 -5.55 -7.36 -7.15
N MET B 341 -4.56 -6.77 -6.47
CA MET B 341 -3.64 -5.86 -7.18
C MET B 341 -2.96 -6.61 -8.33
N GLN B 342 -2.38 -7.77 -8.03
CA GLN B 342 -1.65 -8.55 -9.04
C GLN B 342 -2.49 -8.88 -10.27
N LEU B 343 -3.71 -9.32 -10.05
CA LEU B 343 -4.60 -9.75 -11.13
C LEU B 343 -5.15 -8.59 -11.99
N HIS B 344 -5.03 -7.35 -11.51
CA HIS B 344 -5.37 -6.17 -12.31
C HIS B 344 -4.20 -5.72 -13.20
N GLY B 345 -3.03 -6.32 -13.00
CA GLY B 345 -1.80 -5.86 -13.67
C GLY B 345 -1.46 -4.44 -13.27
N GLY B 346 -0.93 -3.65 -14.20
CA GLY B 346 -0.57 -2.25 -13.93
C GLY B 346 -1.71 -1.41 -13.37
N TYR B 347 -2.94 -1.70 -13.80
CA TYR B 347 -4.11 -0.95 -13.37
C TYR B 347 -4.38 -1.06 -11.86
N GLY B 348 -3.97 -2.18 -11.26
CA GLY B 348 -4.09 -2.36 -9.80
C GLY B 348 -3.27 -1.37 -8.99
N TYR B 349 -2.26 -0.80 -9.64
CA TYR B 349 -1.34 0.18 -9.03
C TYR B 349 -1.73 1.64 -9.30
N MET B 350 -2.80 1.83 -10.07
CA MET B 350 -3.26 3.15 -10.47
C MET B 350 -4.37 3.65 -9.53
N GLU B 351 -4.25 4.88 -9.05
CA GLU B 351 -5.23 5.42 -8.09
C GLU B 351 -6.61 5.70 -8.70
N GLU B 352 -6.70 5.73 -10.03
CA GLU B 352 -7.98 5.86 -10.72
C GLU B 352 -8.84 4.61 -10.55
N TYR B 353 -8.20 3.48 -10.23
CA TYR B 353 -8.92 2.23 -9.98
C TYR B 353 -9.15 2.06 -8.49
N GLU B 354 -10.39 1.76 -8.13
CA GLU B 354 -10.81 1.61 -6.75
C GLU B 354 -9.98 0.59 -5.96
N ILE B 355 -9.55 -0.47 -6.63
CA ILE B 355 -8.77 -1.52 -5.95
C ILE B 355 -7.49 -0.97 -5.28
N ALA B 356 -6.90 0.07 -5.87
CA ALA B 356 -5.69 0.69 -5.29
C ALA B 356 -5.96 1.20 -3.88
N ARG B 357 -7.07 1.93 -3.73
CA ARG B 357 -7.48 2.45 -2.43
C ARG B 357 -7.86 1.33 -1.46
N ARG B 358 -8.63 0.34 -1.93
CA ARG B 358 -8.97 -0.81 -1.09
C ARG B 358 -7.70 -1.50 -0.57
N TYR B 359 -6.71 -1.65 -1.46
CA TYR B 359 -5.42 -2.27 -1.12
C TYR B 359 -4.71 -1.51 0.00
N ARG B 360 -4.64 -0.19 -0.12
CA ARG B 360 -3.99 0.65 0.91
C ARG B 360 -4.75 0.67 2.23
N ASP B 361 -6.07 0.49 2.16
CA ASP B 361 -6.92 0.57 3.35
C ASP B 361 -6.83 -0.66 4.23
N ILE B 362 -6.66 -1.84 3.63
CA ILE B 362 -6.86 -3.09 4.38
C ILE B 362 -5.80 -3.46 5.46
N PRO B 363 -4.50 -3.19 5.23
CA PRO B 363 -3.53 -3.84 6.13
C PRO B 363 -3.59 -3.38 7.59
N VAL B 364 -4.09 -2.18 7.83
CA VAL B 364 -4.20 -1.65 9.18
C VAL B 364 -5.21 -2.42 10.05
N SER B 365 -6.12 -3.16 9.40
CA SER B 365 -7.09 -3.97 10.15
C SER B 365 -6.41 -5.06 10.99
N ALA B 366 -5.19 -5.44 10.61
CA ALA B 366 -4.42 -6.45 11.34
C ALA B 366 -3.75 -5.84 12.56
N ILE B 367 -3.85 -4.52 12.68
CA ILE B 367 -3.11 -3.78 13.70
C ILE B 367 -4.03 -3.25 14.79
N TYR B 368 -5.08 -2.52 14.41
CA TYR B 368 -5.98 -1.95 15.40
C TYR B 368 -7.02 -2.94 15.94
N ALA B 369 -7.75 -2.49 16.98
CA ALA B 369 -8.51 -3.35 17.89
C ALA B 369 -7.62 -4.40 18.54
N GLY B 370 -6.32 -4.14 18.58
CA GLY B 370 -5.36 -5.12 19.09
C GLY B 370 -4.72 -5.86 17.95
N THR B 371 -3.39 -5.95 17.95
CA THR B 371 -2.67 -6.58 16.84
C THR B 371 -3.03 -8.04 16.71
N ASN B 372 -2.82 -8.58 15.52
CA ASN B 372 -3.06 -10.01 15.30
C ASN B 372 -2.18 -10.89 16.18
N GLU B 373 -0.99 -10.40 16.53
CA GLU B 373 -0.14 -11.07 17.52
C GLU B 373 -0.82 -11.14 18.88
N MET B 374 -1.47 -10.05 19.28
CA MET B 374 -2.24 -10.06 20.53
C MET B 374 -3.44 -11.01 20.44
N MET B 375 -4.05 -11.12 19.26
CA MET B 375 -5.16 -12.07 19.09
C MET B 375 -4.68 -13.53 19.31
N LYS B 376 -3.53 -13.85 18.74
CA LYS B 376 -2.95 -15.19 18.90
C LYS B 376 -2.55 -15.44 20.35
N THR B 377 -2.05 -14.39 21.01
CA THR B 377 -1.75 -14.46 22.46
C THR B 377 -2.99 -14.84 23.28
N ILE B 378 -4.11 -14.19 23.00
CA ILE B 378 -5.37 -14.49 23.69
C ILE B 378 -5.82 -15.92 23.42
N ILE B 379 -5.76 -16.34 22.16
CA ILE B 379 -6.19 -17.69 21.79
C ILE B 379 -5.34 -18.73 22.53
N ALA B 380 -4.03 -18.53 22.53
CA ALA B 380 -3.10 -19.42 23.22
C ALA B 380 -3.40 -19.51 24.72
N ARG B 381 -3.74 -18.38 25.33
CA ARG B 381 -4.09 -18.38 26.76
C ARG B 381 -5.35 -19.24 27.01
N GLN B 382 -6.35 -19.09 26.14
CA GLN B 382 -7.59 -19.86 26.25
C GLN B 382 -7.40 -21.36 25.96
N LEU B 383 -6.39 -21.71 25.17
CA LEU B 383 -6.03 -23.11 24.93
C LEU B 383 -5.39 -23.79 26.14
N ASP B 384 -5.02 -23.02 27.17
CA ASP B 384 -4.47 -23.56 28.41
C ASP B 384 -3.11 -24.25 28.20
#